data_7U38
# 
_entry.id   7U38 
# 
_audit_conform.dict_name       mmcif_pdbx.dic 
_audit_conform.dict_version    5.392 
_audit_conform.dict_location   http://mmcif.pdb.org/dictionaries/ascii/mmcif_pdbx.dic 
# 
loop_
_database_2.database_id 
_database_2.database_code 
_database_2.pdbx_database_accession 
_database_2.pdbx_DOI 
PDB   7U38         pdb_00007u38 10.2210/pdb7u38/pdb 
WWPDB D_1000263441 ?            ?                   
# 
loop_
_pdbx_audit_revision_history.ordinal 
_pdbx_audit_revision_history.data_content_type 
_pdbx_audit_revision_history.major_revision 
_pdbx_audit_revision_history.minor_revision 
_pdbx_audit_revision_history.revision_date 
1 'Structure model' 1 0 2023-03-15 
2 'Structure model' 2 0 2024-05-22 
# 
_pdbx_audit_revision_details.ordinal             1 
_pdbx_audit_revision_details.revision_ordinal    1 
_pdbx_audit_revision_details.data_content_type   'Structure model' 
_pdbx_audit_revision_details.provider            repository 
_pdbx_audit_revision_details.type                'Initial release' 
_pdbx_audit_revision_details.description         ? 
_pdbx_audit_revision_details.details             ? 
# 
loop_
_pdbx_audit_revision_group.ordinal 
_pdbx_audit_revision_group.revision_ordinal 
_pdbx_audit_revision_group.data_content_type 
_pdbx_audit_revision_group.group 
1 2 'Structure model' 'Data collection'         
2 2 'Structure model' 'Derived calculations'    
3 2 'Structure model' 'Non-polymer description' 
4 2 'Structure model' 'Structure summary'       
# 
loop_
_pdbx_audit_revision_category.ordinal 
_pdbx_audit_revision_category.revision_ordinal 
_pdbx_audit_revision_category.data_content_type 
_pdbx_audit_revision_category.category 
1 2 'Structure model' chem_comp      
2 2 'Structure model' chem_comp_atom 
3 2 'Structure model' chem_comp_bond 
4 2 'Structure model' entity         
5 2 'Structure model' struct_conn    
# 
loop_
_pdbx_audit_revision_item.ordinal 
_pdbx_audit_revision_item.revision_ordinal 
_pdbx_audit_revision_item.data_content_type 
_pdbx_audit_revision_item.item 
1 2 'Structure model' '_chem_comp.formula'                  
2 2 'Structure model' '_chem_comp.formula_weight'           
3 2 'Structure model' '_entity.formula_weight'              
4 2 'Structure model' '_struct_conn.pdbx_leaving_atom_flag' 
# 
_pdbx_database_status.status_code                     REL 
_pdbx_database_status.status_code_sf                  REL 
_pdbx_database_status.status_code_mr                  ? 
_pdbx_database_status.entry_id                        7U38 
_pdbx_database_status.recvd_initial_deposition_date   2022-02-26 
_pdbx_database_status.SG_entry                        N 
_pdbx_database_status.deposit_site                    RCSB 
_pdbx_database_status.process_site                    RCSB 
_pdbx_database_status.status_code_cs                  ? 
_pdbx_database_status.status_code_nmr_data            ? 
_pdbx_database_status.methods_development_category    ? 
_pdbx_database_status.pdb_format_compatible           Y 
# 
_pdbx_contact_author.id                 2 
_pdbx_contact_author.email              martin.egli@vanderbilt.edu 
_pdbx_contact_author.name_first         Martin 
_pdbx_contact_author.name_last          Egli 
_pdbx_contact_author.name_mi            ? 
_pdbx_contact_author.role               'principal investigator/group leader' 
_pdbx_contact_author.identifier_ORCID   0000-0003-4145-356X 
# 
loop_
_audit_author.name 
_audit_author.pdbx_ordinal 
_audit_author.identifier_ORCID 
'Pallan, P.S.' 1 0000-0001-7449-7273 
'Egli, M.'     2 0000-0003-4145-356X 
# 
_citation.abstract                  ? 
_citation.abstract_id_CAS           ? 
_citation.book_id_ISBN              ? 
_citation.book_publisher            ? 
_citation.book_publisher_city       ? 
_citation.book_title                ? 
_citation.coordinate_linkage        ? 
_citation.country                   ? 
_citation.database_id_Medline       ? 
_citation.details                   ? 
_citation.id                        primary 
_citation.journal_abbrev            'To Be Published' 
_citation.journal_id_ASTM           ? 
_citation.journal_id_CSD            0353 
_citation.journal_id_ISSN           ? 
_citation.journal_full              ? 
_citation.journal_issue             ? 
_citation.journal_volume            ? 
_citation.language                  ? 
_citation.page_first                ? 
_citation.page_last                 ? 
_citation.title                     
'Structural Characterization of a Covalent Conjugate between Pixantrone and an Abasic Site in DNA' 
_citation.year                      ? 
_citation.database_id_CSD           ? 
_citation.pdbx_database_id_DOI      ? 
_citation.pdbx_database_id_PubMed   ? 
_citation.pdbx_database_id_patent   ? 
_citation.unpublished_flag          ? 
# 
loop_
_citation_author.citation_id 
_citation_author.name 
_citation_author.ordinal 
_citation_author.identifier_ORCID 
primary 'Kellum Jr., A.H.' 1 ? 
primary 'Pallan, P.S.'     2 ? 
primary 'Terrell, J.T.'    3 ? 
primary 'Fu, Y.'           4 ? 
primary 'Noh, B.'          5 ? 
primary 'Rizzo, C.J.'      6 ? 
primary 'Egli, M.'         7 ? 
primary 'Stone, M.P.'      8 ? 
# 
loop_
_entity.id 
_entity.type 
_entity.src_method 
_entity.pdbx_description 
_entity.formula_weight 
_entity.pdbx_number_of_molecules 
_entity.pdbx_ec 
_entity.pdbx_mutation 
_entity.pdbx_fragment 
_entity.details 
1 polymer     syn 'Pixantrone AP conjugate-modified DNA' 3918.543 2  ? ? ? 
'LVR is Pixantrone AP conjugate, CBR is 5-Bromo cytidine' 
2 non-polymer syn 1,2-ETHANEDIOL                         62.068   4  ? ? ? ? 
3 water       nat water                                  18.015   27 ? ? ? ? 
# 
_entity_poly.entity_id                      1 
_entity_poly.type                           polydeoxyribonucleotide 
_entity_poly.nstd_linkage                   no 
_entity_poly.nstd_monomer                   yes 
_entity_poly.pdbx_seq_one_letter_code       '(DC)(DG)(DC)(LVR)(DA)(DA)(DT)(DT)(CBR)(DG)(DC)(DG)' 
_entity_poly.pdbx_seq_one_letter_code_can   CGCXAATTCGCG 
_entity_poly.pdbx_strand_id                 A,B 
_entity_poly.pdbx_target_identifier         ? 
# 
loop_
_pdbx_entity_nonpoly.entity_id 
_pdbx_entity_nonpoly.name 
_pdbx_entity_nonpoly.comp_id 
2 1,2-ETHANEDIOL EDO 
3 water          HOH 
# 
loop_
_entity_poly_seq.entity_id 
_entity_poly_seq.num 
_entity_poly_seq.mon_id 
_entity_poly_seq.hetero 
1 1  DC  n 
1 2  DG  n 
1 3  DC  n 
1 4  LVR n 
1 5  DA  n 
1 6  DA  n 
1 7  DT  n 
1 8  DT  n 
1 9  CBR n 
1 10 DG  n 
1 11 DC  n 
1 12 DG  n 
# 
_pdbx_entity_src_syn.entity_id              1 
_pdbx_entity_src_syn.pdbx_src_id            1 
_pdbx_entity_src_syn.pdbx_alt_source_flag   sample 
_pdbx_entity_src_syn.pdbx_beg_seq_num       1 
_pdbx_entity_src_syn.pdbx_end_seq_num       12 
_pdbx_entity_src_syn.organism_scientific    'synthetic construct' 
_pdbx_entity_src_syn.organism_common_name   ? 
_pdbx_entity_src_syn.ncbi_taxonomy_id       32630 
_pdbx_entity_src_syn.details                ? 
# 
loop_
_chem_comp.id 
_chem_comp.type 
_chem_comp.mon_nstd_flag 
_chem_comp.name 
_chem_comp.pdbx_synonyms 
_chem_comp.formula 
_chem_comp.formula_weight 
CBR 'DNA linking' n "5-BROMO-2'-DEOXY-CYTIDINE-5'-MONOPHOSPHATE" ?                 'C9 H13 Br N3 O7 P' 386.093 
DA  'DNA linking' y "2'-DEOXYADENOSINE-5'-MONOPHOSPHATE" ?                 'C10 H14 N5 O6 P'   331.222 
DC  'DNA linking' y "2'-DEOXYCYTIDINE-5'-MONOPHOSPHATE" ?                 'C9 H14 N3 O7 P'    307.197 
DG  'DNA linking' y "2'-DEOXYGUANOSINE-5'-MONOPHOSPHATE" ?                 'C10 H14 N5 O7 P'   347.221 
DT  'DNA linking' y "THYMIDINE-5'-MONOPHOSPHATE" ?                 'C10 H15 N2 O8 P'   322.208 
EDO non-polymer   . 1,2-ETHANEDIOL 'ETHYLENE GLYCOL' 'C2 H6 O2'          62.068  
HOH non-polymer   . WATER ?                 'H2 O'              18.015  
LVR non-polymer   . 
;1-{[2-({6-[(2-aminoethyl)amino]-5,10-dioxo-5,10-dihydrobenzo[g]isoquinolin-9-yl}amino)ethyl]amino}-1,2-dideoxy-5-O-(dihydroxyphosphanyl)-L-threo-pentitol
;
?                 'C22 H30 N5 O8 P'   523.476 
# 
loop_
_pdbx_poly_seq_scheme.asym_id 
_pdbx_poly_seq_scheme.entity_id 
_pdbx_poly_seq_scheme.seq_id 
_pdbx_poly_seq_scheme.mon_id 
_pdbx_poly_seq_scheme.ndb_seq_num 
_pdbx_poly_seq_scheme.pdb_seq_num 
_pdbx_poly_seq_scheme.auth_seq_num 
_pdbx_poly_seq_scheme.pdb_mon_id 
_pdbx_poly_seq_scheme.auth_mon_id 
_pdbx_poly_seq_scheme.pdb_strand_id 
_pdbx_poly_seq_scheme.pdb_ins_code 
_pdbx_poly_seq_scheme.hetero 
A 1 1  DC  1  1  1  DC  DC  A . n 
A 1 2  DG  2  2  2  DG  DG  A . n 
A 1 3  DC  3  3  3  DC  DC  A . n 
A 1 4  LVR 4  4  4  LVR PIJ A . n 
A 1 5  DA  5  5  5  DA  DA  A . n 
A 1 6  DA  6  6  6  DA  DA  A . n 
A 1 7  DT  7  7  7  DT  DT  A . n 
A 1 8  DT  8  8  8  DT  DT  A . n 
A 1 9  CBR 9  9  9  CBR CBR A . n 
A 1 10 DG  10 10 10 DG  DG  A . n 
A 1 11 DC  11 11 11 DC  DC  A . n 
A 1 12 DG  12 12 12 DG  DG  A . n 
B 1 1  DC  1  1  1  DC  DC  B . n 
B 1 2  DG  2  2  2  DG  DG  B . n 
B 1 3  DC  3  3  3  DC  DC  B . n 
B 1 4  LVR 4  4  4  LVR PIJ B . n 
B 1 5  DA  5  5  5  DA  DA  B . n 
B 1 6  DA  6  6  6  DA  DA  B . n 
B 1 7  DT  7  7  7  DT  DT  B . n 
B 1 8  DT  8  8  8  DT  DT  B . n 
B 1 9  CBR 9  9  9  CBR CBR B . n 
B 1 10 DG  10 10 10 DG  DG  B . n 
B 1 11 DC  11 11 11 DC  DC  B . n 
B 1 12 DG  12 12 12 DG  DG  B . n 
# 
loop_
_pdbx_nonpoly_scheme.asym_id 
_pdbx_nonpoly_scheme.entity_id 
_pdbx_nonpoly_scheme.mon_id 
_pdbx_nonpoly_scheme.ndb_seq_num 
_pdbx_nonpoly_scheme.pdb_seq_num 
_pdbx_nonpoly_scheme.auth_seq_num 
_pdbx_nonpoly_scheme.pdb_mon_id 
_pdbx_nonpoly_scheme.auth_mon_id 
_pdbx_nonpoly_scheme.pdb_strand_id 
_pdbx_nonpoly_scheme.pdb_ins_code 
C 2 EDO 1  101 2  EDO EDO A . 
D 2 EDO 1  102 3  EDO EDO A . 
E 2 EDO 1  103 4  EDO EDO A . 
F 2 EDO 1  101 1  EDO EDO B . 
G 3 HOH 1  201 29 HOH HOH A . 
G 3 HOH 2  202 17 HOH HOH A . 
G 3 HOH 3  203 14 HOH HOH A . 
G 3 HOH 4  204 5  HOH HOH A . 
G 3 HOH 5  205 28 HOH HOH A . 
G 3 HOH 6  206 26 HOH HOH A . 
G 3 HOH 7  207 7  HOH HOH A . 
G 3 HOH 8  208 12 HOH HOH A . 
G 3 HOH 9  209 15 HOH HOH A . 
G 3 HOH 10 210 22 HOH HOH A . 
H 3 HOH 1  201 16 HOH HOH B . 
H 3 HOH 2  202 10 HOH HOH B . 
H 3 HOH 3  203 31 HOH HOH B . 
H 3 HOH 4  204 23 HOH HOH B . 
H 3 HOH 5  205 25 HOH HOH B . 
H 3 HOH 6  206 30 HOH HOH B . 
H 3 HOH 7  207 11 HOH HOH B . 
H 3 HOH 8  208 21 HOH HOH B . 
H 3 HOH 9  209 27 HOH HOH B . 
H 3 HOH 10 210 6  HOH HOH B . 
H 3 HOH 11 211 19 HOH HOH B . 
H 3 HOH 12 212 13 HOH HOH B . 
H 3 HOH 13 213 9  HOH HOH B . 
H 3 HOH 14 214 24 HOH HOH B . 
H 3 HOH 15 215 8  HOH HOH B . 
H 3 HOH 16 216 20 HOH HOH B . 
H 3 HOH 17 217 18 HOH HOH B . 
# 
loop_
_pdbx_unobs_or_zero_occ_atoms.id 
_pdbx_unobs_or_zero_occ_atoms.PDB_model_num 
_pdbx_unobs_or_zero_occ_atoms.polymer_flag 
_pdbx_unobs_or_zero_occ_atoms.occupancy_flag 
_pdbx_unobs_or_zero_occ_atoms.auth_asym_id 
_pdbx_unobs_or_zero_occ_atoms.auth_comp_id 
_pdbx_unobs_or_zero_occ_atoms.auth_seq_id 
_pdbx_unobs_or_zero_occ_atoms.PDB_ins_code 
_pdbx_unobs_or_zero_occ_atoms.auth_atom_id 
_pdbx_unobs_or_zero_occ_atoms.label_alt_id 
_pdbx_unobs_or_zero_occ_atoms.label_asym_id 
_pdbx_unobs_or_zero_occ_atoms.label_comp_id 
_pdbx_unobs_or_zero_occ_atoms.label_seq_id 
_pdbx_unobs_or_zero_occ_atoms.label_atom_id 
1 1 Y 1 A DC 1 ? N1 ? A DC 1 N1 
2 1 Y 1 A DC 1 ? C2 ? A DC 1 C2 
3 1 Y 1 A DC 1 ? O2 ? A DC 1 O2 
4 1 Y 1 A DC 1 ? N3 ? A DC 1 N3 
5 1 Y 1 A DC 1 ? C4 ? A DC 1 C4 
6 1 Y 1 A DC 1 ? N4 ? A DC 1 N4 
7 1 Y 1 A DC 1 ? C5 ? A DC 1 C5 
8 1 Y 1 A DC 1 ? C6 ? A DC 1 C6 
# 
loop_
_software.citation_id 
_software.classification 
_software.compiler_name 
_software.compiler_version 
_software.contact_author 
_software.contact_author_email 
_software.date 
_software.description 
_software.dependencies 
_software.hardware 
_software.language 
_software.location 
_software.mods 
_software.name 
_software.os 
_software.os_version 
_software.type 
_software.version 
_software.pdbx_ordinal 
? 'data scaling'    ? ? ? ? ? ? ? ? ? ? ? HKL-2000    ? ? ? .        1 
? refinement        ? ? ? ? ? ? ? ? ? ? ? REFMAC      ? ? ? 5.8.0267 2 
? 'data extraction' ? ? ? ? ? ? ? ? ? ? ? PDB_EXTRACT ? ? ? 3.27     3 
? 'data reduction'  ? ? ? ? ? ? ? ? ? ? ? HKL-2000    ? ? ? .        4 
? phasing           ? ? ? ? ? ? ? ? ? ? ? AutoSol     ? ? ? .        5 
# 
_cell.angle_alpha                  90.000 
_cell.angle_alpha_esd              ? 
_cell.angle_beta                   90.000 
_cell.angle_beta_esd               ? 
_cell.angle_gamma                  120.000 
_cell.angle_gamma_esd              ? 
_cell.entry_id                     7U38 
_cell.details                      ? 
_cell.formula_units_Z              ? 
_cell.length_a                     95.921 
_cell.length_a_esd                 ? 
_cell.length_b                     95.921 
_cell.length_b_esd                 ? 
_cell.length_c                     73.118 
_cell.length_c_esd                 ? 
_cell.volume                       ? 
_cell.volume_esd                   ? 
_cell.Z_PDB                        24 
_cell.reciprocal_angle_alpha       ? 
_cell.reciprocal_angle_beta        ? 
_cell.reciprocal_angle_gamma       ? 
_cell.reciprocal_angle_alpha_esd   ? 
_cell.reciprocal_angle_beta_esd    ? 
_cell.reciprocal_angle_gamma_esd   ? 
_cell.reciprocal_length_a          ? 
_cell.reciprocal_length_b          ? 
_cell.reciprocal_length_c          ? 
_cell.reciprocal_length_a_esd      ? 
_cell.reciprocal_length_b_esd      ? 
_cell.reciprocal_length_c_esd      ? 
_cell.pdbx_unique_axis             ? 
# 
_symmetry.entry_id                         7U38 
_symmetry.cell_setting                     ? 
_symmetry.Int_Tables_number                181 
_symmetry.space_group_name_Hall            ? 
_symmetry.space_group_name_H-M             'P 64 2 2' 
_symmetry.pdbx_full_space_group_name_H-M   ? 
# 
_exptl.absorpt_coefficient_mu     ? 
_exptl.absorpt_correction_T_max   ? 
_exptl.absorpt_correction_T_min   ? 
_exptl.absorpt_correction_type    ? 
_exptl.absorpt_process_details    ? 
_exptl.entry_id                   7U38 
_exptl.crystals_number            1 
_exptl.details                    ? 
_exptl.method                     'X-RAY DIFFRACTION' 
_exptl.method_details             ? 
# 
_exptl_crystal.colour                      ? 
_exptl_crystal.density_diffrn              ? 
_exptl_crystal.density_Matthews            ? 
_exptl_crystal.density_method              ? 
_exptl_crystal.density_percent_sol         ? 
_exptl_crystal.description                 ? 
_exptl_crystal.F_000                       ? 
_exptl_crystal.id                          1 
_exptl_crystal.preparation                 ? 
_exptl_crystal.size_max                    ? 
_exptl_crystal.size_mid                    ? 
_exptl_crystal.size_min                    ? 
_exptl_crystal.size_rad                    ? 
_exptl_crystal.colour_lustre               ? 
_exptl_crystal.colour_modifier             ? 
_exptl_crystal.colour_primary              ? 
_exptl_crystal.density_meas                ? 
_exptl_crystal.density_meas_esd            ? 
_exptl_crystal.density_meas_gt             ? 
_exptl_crystal.density_meas_lt             ? 
_exptl_crystal.density_meas_temp           ? 
_exptl_crystal.density_meas_temp_esd       ? 
_exptl_crystal.density_meas_temp_gt        ? 
_exptl_crystal.density_meas_temp_lt        ? 
_exptl_crystal.pdbx_crystal_image_url      ? 
_exptl_crystal.pdbx_crystal_image_format   ? 
_exptl_crystal.pdbx_mosaicity              ? 
_exptl_crystal.pdbx_mosaicity_esd          ? 
# 
_exptl_crystal_grow.apparatus       ? 
_exptl_crystal_grow.atmosphere      ? 
_exptl_crystal_grow.crystal_id      1 
_exptl_crystal_grow.details         ? 
_exptl_crystal_grow.method          'VAPOR DIFFUSION, HANGING DROP' 
_exptl_crystal_grow.method_ref      ? 
_exptl_crystal_grow.pH              7.5 
_exptl_crystal_grow.pressure        ? 
_exptl_crystal_grow.pressure_esd    ? 
_exptl_crystal_grow.seeding         ? 
_exptl_crystal_grow.seeding_ref     ? 
_exptl_crystal_grow.temp            291 
_exptl_crystal_grow.temp_details    ? 
_exptl_crystal_grow.temp_esd        ? 
_exptl_crystal_grow.time            ? 
_exptl_crystal_grow.pdbx_details    
'Crystallized from drops containing 2.2 M ammonium sulfate, and 2.8% to 3.8% PEG-400, in 0.1 M HEPES sodium' 
_exptl_crystal_grow.pdbx_pH_range   ? 
# 
_diffrn.ambient_environment              ? 
_diffrn.ambient_temp                     100 
_diffrn.ambient_temp_details             ? 
_diffrn.ambient_temp_esd                 ? 
_diffrn.crystal_id                       1 
_diffrn.crystal_support                  ? 
_diffrn.crystal_treatment                ? 
_diffrn.details                          ? 
_diffrn.id                               1 
_diffrn.ambient_pressure                 ? 
_diffrn.ambient_pressure_esd             ? 
_diffrn.ambient_pressure_gt              ? 
_diffrn.ambient_pressure_lt              ? 
_diffrn.ambient_temp_gt                  ? 
_diffrn.ambient_temp_lt                  ? 
_diffrn.pdbx_serial_crystal_experiment   N 
# 
_diffrn_detector.details                      ? 
_diffrn_detector.detector                     PIXEL 
_diffrn_detector.diffrn_id                    1 
_diffrn_detector.type                         'DECTRIS EIGER X 9M' 
_diffrn_detector.area_resol_mean              ? 
_diffrn_detector.dtime                        ? 
_diffrn_detector.pdbx_frames_total            ? 
_diffrn_detector.pdbx_collection_time_total   ? 
_diffrn_detector.pdbx_collection_date         2020-10-22 
_diffrn_detector.pdbx_frequency               ? 
# 
_diffrn_radiation.collimation                      ? 
_diffrn_radiation.diffrn_id                        1 
_diffrn_radiation.filter_edge                      ? 
_diffrn_radiation.inhomogeneity                    ? 
_diffrn_radiation.monochromator                    'Kohzu monochromator' 
_diffrn_radiation.polarisn_norm                    ? 
_diffrn_radiation.polarisn_ratio                   ? 
_diffrn_radiation.probe                            ? 
_diffrn_radiation.type                             ? 
_diffrn_radiation.xray_symbol                      ? 
_diffrn_radiation.wavelength_id                    1 
_diffrn_radiation.pdbx_monochromatic_or_laue_m_l   M 
_diffrn_radiation.pdbx_wavelength_list             ? 
_diffrn_radiation.pdbx_wavelength                  ? 
_diffrn_radiation.pdbx_diffrn_protocol             MAD 
_diffrn_radiation.pdbx_analyzer                    ? 
_diffrn_radiation.pdbx_scattering_type             x-ray 
# 
_diffrn_radiation_wavelength.id           1 
_diffrn_radiation_wavelength.wavelength   0.91840 
_diffrn_radiation_wavelength.wt           1.0 
# 
_diffrn_source.current                     ? 
_diffrn_source.details                     ? 
_diffrn_source.diffrn_id                   1 
_diffrn_source.power                       ? 
_diffrn_source.size                        ? 
_diffrn_source.source                      SYNCHROTRON 
_diffrn_source.target                      ? 
_diffrn_source.type                        'APS BEAMLINE 21-ID-D' 
_diffrn_source.voltage                     ? 
_diffrn_source.take-off_angle              ? 
_diffrn_source.pdbx_wavelength_list        0.91840 
_diffrn_source.pdbx_wavelength             ? 
_diffrn_source.pdbx_synchrotron_beamline   21-ID-D 
_diffrn_source.pdbx_synchrotron_site       APS 
# 
_reflns.B_iso_Wilson_estimate                          ? 
_reflns.entry_id                                       7U38 
_reflns.data_reduction_details                         ? 
_reflns.data_reduction_method                          ? 
_reflns.d_resolution_high                              2.490 
_reflns.d_resolution_low                               50.000 
_reflns.details                                        ? 
_reflns.limit_h_max                                    ? 
_reflns.limit_h_min                                    ? 
_reflns.limit_k_max                                    ? 
_reflns.limit_k_min                                    ? 
_reflns.limit_l_max                                    ? 
_reflns.limit_l_min                                    ? 
_reflns.number_all                                     ? 
_reflns.number_obs                                     7367 
_reflns.observed_criterion                             ? 
_reflns.observed_criterion_F_max                       ? 
_reflns.observed_criterion_F_min                       ? 
_reflns.observed_criterion_I_max                       ? 
_reflns.observed_criterion_I_min                       ? 
_reflns.observed_criterion_sigma_F                     ? 
_reflns.observed_criterion_sigma_I                     ? 
_reflns.percent_possible_obs                           99.900 
_reflns.R_free_details                                 ? 
_reflns.Rmerge_F_all                                   ? 
_reflns.Rmerge_F_obs                                   ? 
_reflns.Friedel_coverage                               ? 
_reflns.number_gt                                      ? 
_reflns.threshold_expression                           ? 
_reflns.pdbx_redundancy                                37.500 
_reflns.pdbx_Rmerge_I_obs                              0.131 
_reflns.pdbx_Rmerge_I_all                              ? 
_reflns.pdbx_Rsym_value                                ? 
_reflns.pdbx_netI_over_av_sigmaI                       ? 
_reflns.pdbx_netI_over_sigmaI                          3.900 
_reflns.pdbx_res_netI_over_av_sigmaI_2                 ? 
_reflns.pdbx_res_netI_over_sigmaI_2                    ? 
_reflns.pdbx_chi_squared                               0.816 
_reflns.pdbx_scaling_rejects                           ? 
_reflns.pdbx_d_res_high_opt                            ? 
_reflns.pdbx_d_res_low_opt                             ? 
_reflns.pdbx_d_res_opt_method                          ? 
_reflns.phase_calculation_details                      ? 
_reflns.pdbx_Rrim_I_all                                0.133 
_reflns.pdbx_Rpim_I_all                                0.022 
_reflns.pdbx_d_opt                                     ? 
_reflns.pdbx_number_measured_all                       276573 
_reflns.pdbx_diffrn_id                                 1 
_reflns.pdbx_ordinal                                   1 
_reflns.pdbx_CC_half                                   ? 
_reflns.pdbx_CC_star                                   ? 
_reflns.pdbx_R_split                                   ? 
_reflns.pdbx_aniso_diffraction_limit_axis_1_ortho[1]   ? 
_reflns.pdbx_aniso_diffraction_limit_axis_1_ortho[2]   ? 
_reflns.pdbx_aniso_diffraction_limit_axis_1_ortho[3]   ? 
_reflns.pdbx_aniso_diffraction_limit_axis_2_ortho[1]   ? 
_reflns.pdbx_aniso_diffraction_limit_axis_2_ortho[2]   ? 
_reflns.pdbx_aniso_diffraction_limit_axis_2_ortho[3]   ? 
_reflns.pdbx_aniso_diffraction_limit_axis_3_ortho[1]   ? 
_reflns.pdbx_aniso_diffraction_limit_axis_3_ortho[2]   ? 
_reflns.pdbx_aniso_diffraction_limit_axis_3_ortho[3]   ? 
_reflns.pdbx_aniso_diffraction_limit_1                 ? 
_reflns.pdbx_aniso_diffraction_limit_2                 ? 
_reflns.pdbx_aniso_diffraction_limit_3                 ? 
_reflns.pdbx_aniso_B_tensor_eigenvector_1_ortho[1]     ? 
_reflns.pdbx_aniso_B_tensor_eigenvector_1_ortho[2]     ? 
_reflns.pdbx_aniso_B_tensor_eigenvector_1_ortho[3]     ? 
_reflns.pdbx_aniso_B_tensor_eigenvector_2_ortho[1]     ? 
_reflns.pdbx_aniso_B_tensor_eigenvector_2_ortho[2]     ? 
_reflns.pdbx_aniso_B_tensor_eigenvector_2_ortho[3]     ? 
_reflns.pdbx_aniso_B_tensor_eigenvector_3_ortho[1]     ? 
_reflns.pdbx_aniso_B_tensor_eigenvector_3_ortho[2]     ? 
_reflns.pdbx_aniso_B_tensor_eigenvector_3_ortho[3]     ? 
_reflns.pdbx_aniso_B_tensor_eigenvalue_1               ? 
_reflns.pdbx_aniso_B_tensor_eigenvalue_2               ? 
_reflns.pdbx_aniso_B_tensor_eigenvalue_3               ? 
_reflns.pdbx_orthogonalization_convention              ? 
_reflns.pdbx_percent_possible_ellipsoidal              ? 
_reflns.pdbx_percent_possible_spherical                ? 
_reflns.pdbx_percent_possible_ellipsoidal_anomalous    ? 
_reflns.pdbx_percent_possible_spherical_anomalous      ? 
_reflns.pdbx_redundancy_anomalous                      ? 
_reflns.pdbx_CC_half_anomalous                         ? 
_reflns.pdbx_absDiff_over_sigma_anomalous              ? 
_reflns.pdbx_percent_possible_anomalous                ? 
_reflns.pdbx_observed_signal_threshold                 ? 
_reflns.pdbx_signal_type                               ? 
_reflns.pdbx_signal_details                            ? 
_reflns.pdbx_signal_software_id                        ? 
# 
loop_
_reflns_shell.d_res_high 
_reflns_shell.d_res_low 
_reflns_shell.meanI_over_sigI_all 
_reflns_shell.meanI_over_sigI_obs 
_reflns_shell.number_measured_all 
_reflns_shell.number_measured_obs 
_reflns_shell.number_possible 
_reflns_shell.number_unique_all 
_reflns_shell.number_unique_obs 
_reflns_shell.percent_possible_all 
_reflns_shell.percent_possible_obs 
_reflns_shell.Rmerge_F_all 
_reflns_shell.Rmerge_F_obs 
_reflns_shell.Rmerge_I_all 
_reflns_shell.Rmerge_I_obs 
_reflns_shell.meanI_over_sigI_gt 
_reflns_shell.meanI_over_uI_all 
_reflns_shell.meanI_over_uI_gt 
_reflns_shell.number_measured_gt 
_reflns_shell.number_unique_gt 
_reflns_shell.percent_possible_gt 
_reflns_shell.Rmerge_F_gt 
_reflns_shell.Rmerge_I_gt 
_reflns_shell.pdbx_redundancy 
_reflns_shell.pdbx_Rsym_value 
_reflns_shell.pdbx_chi_squared 
_reflns_shell.pdbx_netI_over_sigmaI_all 
_reflns_shell.pdbx_netI_over_sigmaI_obs 
_reflns_shell.pdbx_Rrim_I_all 
_reflns_shell.pdbx_Rpim_I_all 
_reflns_shell.pdbx_rejects 
_reflns_shell.pdbx_ordinal 
_reflns_shell.pdbx_diffrn_id 
_reflns_shell.pdbx_CC_half 
_reflns_shell.pdbx_CC_star 
_reflns_shell.pdbx_R_split 
_reflns_shell.pdbx_percent_possible_ellipsoidal 
_reflns_shell.pdbx_percent_possible_spherical 
_reflns_shell.pdbx_percent_possible_ellipsoidal_anomalous 
_reflns_shell.pdbx_percent_possible_spherical_anomalous 
_reflns_shell.pdbx_redundancy_anomalous 
_reflns_shell.pdbx_CC_half_anomalous 
_reflns_shell.pdbx_absDiff_over_sigma_anomalous 
_reflns_shell.pdbx_percent_possible_anomalous 
2.490 2.580  ? ? ? ? ? ? 710 100.000 ? ? ? ? 1.212 ? ? ? ? ? ? ? ? 37.900 ? 0.364 ? ? 1.229 0.198 ? 1  1 0.917 ? ? ? ? ? ? ? ? ? ? 
2.580 2.680  ? ? ? ? ? ? 720 100.000 ? ? ? ? 0.921 ? ? ? ? ? ? ? ? 40.700 ? 0.378 ? ? 0.932 0.144 ? 2  1 0.952 ? ? ? ? ? ? ? ? ? ? 
2.680 2.800  ? ? ? ? ? ? 722 100.000 ? ? ? ? 0.598 ? ? ? ? ? ? ? ? 40.400 ? 0.415 ? ? 0.606 0.094 ? 3  1 0.974 ? ? ? ? ? ? ? ? ? ? 
2.800 2.950  ? ? ? ? ? ? 707 100.000 ? ? ? ? 0.489 ? ? ? ? ? ? ? ? 39.800 ? 0.433 ? ? 0.495 0.077 ? 4  1 0.986 ? ? ? ? ? ? ? ? ? ? 
2.950 3.140  ? ? ? ? ? ? 716 100.000 ? ? ? ? 0.235 ? ? ? ? ? ? ? ? 39.400 ? 0.509 ? ? 0.238 0.037 ? 5  1 0.997 ? ? ? ? ? ? ? ? ? ? 
3.140 3.380  ? ? ? ? ? ? 732 100.000 ? ? ? ? 0.110 ? ? ? ? ? ? ? ? 38.400 ? 0.753 ? ? 0.112 0.018 ? 6  1 0.999 ? ? ? ? ? ? ? ? ? ? 
3.380 3.720  ? ? ? ? ? ? 736 100.000 ? ? ? ? 0.100 ? ? ? ? ? ? ? ? 38.100 ? 0.804 ? ? 0.102 0.016 ? 7  1 0.999 ? ? ? ? ? ? ? ? ? ? 
3.720 4.260  ? ? ? ? ? ? 739 100.000 ? ? ? ? 0.106 ? ? ? ? ? ? ? ? 34.400 ? 0.838 ? ? 0.107 0.018 ? 8  1 0.999 ? ? ? ? ? ? ? ? ? ? 
4.260 5.360  ? ? ? ? ? ? 750 99.200  ? ? ? ? 0.108 ? ? ? ? ? ? ? ? 30.400 ? 1.871 ? ? 0.110 0.020 ? 9  1 0.998 ? ? ? ? ? ? ? ? ? ? 
5.360 50.000 ? ? ? ? ? ? 835 100.000 ? ? ? ? 0.087 ? ? ? ? ? ? ? ? 36.400 ? 1.933 ? ? 0.088 0.014 ? 10 1 0.999 ? ? ? ? ? ? ? ? ? ? 
# 
_refine.aniso_B[1][1]                            0.1900 
_refine.aniso_B[1][2]                            0.0900 
_refine.aniso_B[1][3]                            -0.0000 
_refine.aniso_B[2][2]                            0.1900 
_refine.aniso_B[2][3]                            0.0000 
_refine.aniso_B[3][3]                            -0.6100 
_refine.B_iso_max                                156.380 
_refine.B_iso_mean                               49.5630 
_refine.B_iso_min                                5.560 
_refine.correlation_coeff_Fo_to_Fc               0.9310 
_refine.correlation_coeff_Fo_to_Fc_free          0.9310 
_refine.details                                  ? 
_refine.diff_density_max                         ? 
_refine.diff_density_max_esd                     ? 
_refine.diff_density_min                         ? 
_refine.diff_density_min_esd                     ? 
_refine.diff_density_rms                         ? 
_refine.diff_density_rms_esd                     ? 
_refine.entry_id                                 7U38 
_refine.pdbx_refine_id                           'X-RAY DIFFRACTION' 
_refine.ls_abs_structure_details                 ? 
_refine.ls_abs_structure_Flack                   ? 
_refine.ls_abs_structure_Flack_esd               ? 
_refine.ls_abs_structure_Rogers                  ? 
_refine.ls_abs_structure_Rogers_esd              ? 
_refine.ls_d_res_high                            2.4900 
_refine.ls_d_res_low                             27.7100 
_refine.ls_extinction_coef                       ? 
_refine.ls_extinction_coef_esd                   ? 
_refine.ls_extinction_expression                 ? 
_refine.ls_extinction_method                     ? 
_refine.ls_goodness_of_fit_all                   ? 
_refine.ls_goodness_of_fit_all_esd               ? 
_refine.ls_goodness_of_fit_obs                   ? 
_refine.ls_goodness_of_fit_obs_esd               ? 
_refine.ls_hydrogen_treatment                    ? 
_refine.ls_matrix_type                           ? 
_refine.ls_number_constraints                    ? 
_refine.ls_number_parameters                     ? 
_refine.ls_number_reflns_all                     ? 
_refine.ls_number_reflns_obs                     6740 
_refine.ls_number_reflns_R_free                  537 
_refine.ls_number_reflns_R_work                  ? 
_refine.ls_number_restraints                     ? 
_refine.ls_percent_reflns_obs                    98.9300 
_refine.ls_percent_reflns_R_free                 7.4000 
_refine.ls_R_factor_all                          ? 
_refine.ls_R_factor_obs                          0.2462 
_refine.ls_R_factor_R_free                       0.2618 
_refine.ls_R_factor_R_free_error                 ? 
_refine.ls_R_factor_R_free_error_details         ? 
_refine.ls_R_factor_R_work                       0.2450 
_refine.ls_R_Fsqd_factor_obs                     ? 
_refine.ls_R_I_factor_obs                        ? 
_refine.ls_redundancy_reflns_all                 ? 
_refine.ls_redundancy_reflns_obs                 ? 
_refine.ls_restrained_S_all                      ? 
_refine.ls_restrained_S_obs                      ? 
_refine.ls_shift_over_esd_max                    ? 
_refine.ls_shift_over_esd_mean                   ? 
_refine.ls_structure_factor_coef                 ? 
_refine.ls_weighting_details                     ? 
_refine.ls_weighting_scheme                      ? 
_refine.ls_wR_factor_all                         ? 
_refine.ls_wR_factor_obs                         ? 
_refine.ls_wR_factor_R_free                      ? 
_refine.ls_wR_factor_R_work                      ? 
_refine.occupancy_max                            ? 
_refine.occupancy_min                            ? 
_refine.solvent_model_details                    MASK 
_refine.solvent_model_param_bsol                 ? 
_refine.solvent_model_param_ksol                 ? 
_refine.pdbx_R_complete                          ? 
_refine.ls_R_factor_gt                           ? 
_refine.ls_goodness_of_fit_gt                    ? 
_refine.ls_goodness_of_fit_ref                   ? 
_refine.ls_shift_over_su_max                     ? 
_refine.ls_shift_over_su_max_lt                  ? 
_refine.ls_shift_over_su_mean                    ? 
_refine.ls_shift_over_su_mean_lt                 ? 
_refine.pdbx_ls_sigma_I                          ? 
_refine.pdbx_ls_sigma_F                          0.000 
_refine.pdbx_ls_sigma_Fsqd                       ? 
_refine.pdbx_data_cutoff_high_absF               ? 
_refine.pdbx_data_cutoff_high_rms_absF           ? 
_refine.pdbx_data_cutoff_low_absF                ? 
_refine.pdbx_isotropic_thermal_model             ? 
_refine.pdbx_ls_cross_valid_method               THROUGHOUT 
_refine.pdbx_method_to_determine_struct          SAD 
_refine.pdbx_starting_model                      ? 
_refine.pdbx_stereochemistry_target_values       'MAXIMUM LIKELIHOOD' 
_refine.pdbx_R_Free_selection_details            RANDOM 
_refine.pdbx_stereochem_target_val_spec_case     ? 
_refine.pdbx_overall_ESU_R                       0.2180 
_refine.pdbx_overall_ESU_R_Free                  0.1920 
_refine.pdbx_solvent_vdw_probe_radii             1.2000 
_refine.pdbx_solvent_ion_probe_radii             0.8000 
_refine.pdbx_solvent_shrinkage_radii             0.8000 
_refine.pdbx_real_space_R                        ? 
_refine.pdbx_density_correlation                 ? 
_refine.pdbx_pd_number_of_powder_patterns        ? 
_refine.pdbx_pd_number_of_points                 ? 
_refine.pdbx_pd_meas_number_of_points            ? 
_refine.pdbx_pd_proc_ls_prof_R_factor            ? 
_refine.pdbx_pd_proc_ls_prof_wR_factor           ? 
_refine.pdbx_pd_Marquardt_correlation_coeff      ? 
_refine.pdbx_pd_Fsqrd_R_factor                   ? 
_refine.pdbx_pd_ls_matrix_band_width             ? 
_refine.pdbx_overall_phase_error                 ? 
_refine.pdbx_overall_SU_R_free_Cruickshank_DPI   ? 
_refine.pdbx_overall_SU_R_free_Blow_DPI          ? 
_refine.pdbx_overall_SU_R_Blow_DPI               ? 
_refine.pdbx_TLS_residual_ADP_flag               ? 
_refine.pdbx_diffrn_id                           1 
_refine.overall_SU_B                             6.2000 
_refine.overall_SU_ML                            0.1300 
_refine.overall_SU_R_Cruickshank_DPI             ? 
_refine.overall_SU_R_free                        ? 
_refine.overall_FOM_free_R_set                   ? 
_refine.overall_FOM_work_R_set                   ? 
_refine.pdbx_average_fsc_overall                 ? 
_refine.pdbx_average_fsc_work                    ? 
_refine.pdbx_average_fsc_free                    ? 
# 
_refine_hist.pdbx_refine_id                   'X-RAY DIFFRACTION' 
_refine_hist.cycle_id                         final 
_refine_hist.details                          ? 
_refine_hist.d_res_high                       2.4900 
_refine_hist.d_res_low                        27.7100 
_refine_hist.number_atoms_solvent             27 
_refine_hist.number_atoms_total               549 
_refine_hist.number_reflns_all                ? 
_refine_hist.number_reflns_obs                ? 
_refine_hist.number_reflns_R_free             ? 
_refine_hist.number_reflns_R_work             ? 
_refine_hist.R_factor_all                     ? 
_refine_hist.R_factor_obs                     ? 
_refine_hist.R_factor_R_free                  ? 
_refine_hist.R_factor_R_work                  ? 
_refine_hist.pdbx_number_residues_total       24 
_refine_hist.pdbx_B_iso_mean_ligand           77.38 
_refine_hist.pdbx_B_iso_mean_solvent          39.53 
_refine_hist.pdbx_number_atoms_protein        0 
_refine_hist.pdbx_number_atoms_nucleic_acid   506 
_refine_hist.pdbx_number_atoms_ligand         16 
_refine_hist.pdbx_number_atoms_lipid          ? 
_refine_hist.pdbx_number_atoms_carb           ? 
_refine_hist.pdbx_pseudo_atom_details         ? 
# 
loop_
_refine_ls_restr.pdbx_refine_id 
_refine_ls_restr.criterion 
_refine_ls_restr.dev_ideal 
_refine_ls_restr.dev_ideal_target 
_refine_ls_restr.number 
_refine_ls_restr.rejects 
_refine_ls_restr.type 
_refine_ls_restr.weight 
_refine_ls_restr.pdbx_restraint_function 
'X-RAY DIFFRACTION' ? 0.010 0.013 575 ? r_bond_refined_d     ? ? 
'X-RAY DIFFRACTION' ? 0.004 0.021 314 ? r_bond_other_d       ? ? 
'X-RAY DIFFRACTION' ? 1.381 1.513 864 ? r_angle_refined_deg  ? ? 
'X-RAY DIFFRACTION' ? 1.337 2.956 734 ? r_angle_other_deg    ? ? 
'X-RAY DIFFRACTION' ? 0.063 0.200 69  ? r_chiral_restr       ? ? 
'X-RAY DIFFRACTION' ? 0.041 0.021 311 ? r_gen_planes_refined ? ? 
'X-RAY DIFFRACTION' ? 0.010 0.021 126 ? r_gen_planes_other   ? ? 
# 
_refine_ls_shell.pdbx_refine_id                   'X-RAY DIFFRACTION' 
_refine_ls_shell.d_res_high                       2.4920 
_refine_ls_shell.d_res_low                        2.5570 
_refine_ls_shell.number_reflns_all                525 
_refine_ls_shell.number_reflns_obs                ? 
_refine_ls_shell.number_reflns_R_free             38 
_refine_ls_shell.number_reflns_R_work             487 
_refine_ls_shell.percent_reflns_obs               99.6200 
_refine_ls_shell.percent_reflns_R_free            ? 
_refine_ls_shell.R_factor_all                     ? 
_refine_ls_shell.R_factor_obs                     ? 
_refine_ls_shell.R_factor_R_free                  0.4830 
_refine_ls_shell.R_factor_R_free_error            0.0000 
_refine_ls_shell.R_factor_R_work                  0.6200 
_refine_ls_shell.redundancy_reflns_all            ? 
_refine_ls_shell.redundancy_reflns_obs            ? 
_refine_ls_shell.wR_factor_all                    ? 
_refine_ls_shell.wR_factor_obs                    ? 
_refine_ls_shell.wR_factor_R_free                 ? 
_refine_ls_shell.wR_factor_R_work                 ? 
_refine_ls_shell.pdbx_R_complete                  ? 
_refine_ls_shell.pdbx_total_number_of_bins_used   20 
_refine_ls_shell.pdbx_phase_error                 ? 
_refine_ls_shell.pdbx_fsc_work                    ? 
_refine_ls_shell.pdbx_fsc_free                    ? 
# 
_struct.entry_id                     7U38 
_struct.title                        'Pixantrone tethered DNA duplex' 
_struct.pdbx_model_details           ? 
_struct.pdbx_formula_weight          ? 
_struct.pdbx_formula_weight_method   ? 
_struct.pdbx_model_type_details      ? 
_struct.pdbx_CASP_flag               N 
# 
_struct_keywords.entry_id        7U38 
_struct_keywords.text            'Pixantrone, DNA structure, Pixantrone-AP, pixantrone conjugate, abasic site, DNA' 
_struct_keywords.pdbx_keywords   DNA 
# 
loop_
_struct_asym.id 
_struct_asym.pdbx_blank_PDB_chainid_flag 
_struct_asym.pdbx_modified 
_struct_asym.entity_id 
_struct_asym.details 
A N N 1 ? 
B N N 1 ? 
C N N 2 ? 
D N N 2 ? 
E N N 2 ? 
F N N 2 ? 
G N N 3 ? 
H N N 3 ? 
# 
_struct_ref.id                         1 
_struct_ref.db_name                    PDB 
_struct_ref.db_code                    7U38 
_struct_ref.pdbx_db_accession          7U38 
_struct_ref.pdbx_db_isoform            ? 
_struct_ref.entity_id                  1 
_struct_ref.pdbx_seq_one_letter_code   ? 
_struct_ref.pdbx_align_begin           1 
# 
loop_
_struct_ref_seq.align_id 
_struct_ref_seq.ref_id 
_struct_ref_seq.pdbx_PDB_id_code 
_struct_ref_seq.pdbx_strand_id 
_struct_ref_seq.seq_align_beg 
_struct_ref_seq.pdbx_seq_align_beg_ins_code 
_struct_ref_seq.seq_align_end 
_struct_ref_seq.pdbx_seq_align_end_ins_code 
_struct_ref_seq.pdbx_db_accession 
_struct_ref_seq.db_align_beg 
_struct_ref_seq.pdbx_db_align_beg_ins_code 
_struct_ref_seq.db_align_end 
_struct_ref_seq.pdbx_db_align_end_ins_code 
_struct_ref_seq.pdbx_auth_seq_align_beg 
_struct_ref_seq.pdbx_auth_seq_align_end 
1 1 7U38 A 1 ? 12 ? 7U38 1 ? 12 ? 1 12 
2 1 7U38 B 1 ? 12 ? 7U38 1 ? 12 ? 1 12 
# 
_pdbx_struct_assembly.id                   1 
_pdbx_struct_assembly.details              author_defined_assembly 
_pdbx_struct_assembly.method_details       ? 
_pdbx_struct_assembly.oligomeric_details   dimeric 
_pdbx_struct_assembly.oligomeric_count     2 
# 
_pdbx_struct_assembly_gen.assembly_id       1 
_pdbx_struct_assembly_gen.oper_expression   1 
_pdbx_struct_assembly_gen.asym_id_list      A,B,C,D,E,F,G,H 
# 
_pdbx_struct_assembly_auth_evidence.id                     1 
_pdbx_struct_assembly_auth_evidence.assembly_id            1 
_pdbx_struct_assembly_auth_evidence.experimental_support   none 
_pdbx_struct_assembly_auth_evidence.details                ? 
# 
_pdbx_struct_oper_list.id                   1 
_pdbx_struct_oper_list.type                 'identity operation' 
_pdbx_struct_oper_list.name                 1_555 
_pdbx_struct_oper_list.symmetry_operation   x,y,z 
_pdbx_struct_oper_list.matrix[1][1]         1.0000000000 
_pdbx_struct_oper_list.matrix[1][2]         0.0000000000 
_pdbx_struct_oper_list.matrix[1][3]         0.0000000000 
_pdbx_struct_oper_list.vector[1]            0.0000000000 
_pdbx_struct_oper_list.matrix[2][1]         0.0000000000 
_pdbx_struct_oper_list.matrix[2][2]         1.0000000000 
_pdbx_struct_oper_list.matrix[2][3]         0.0000000000 
_pdbx_struct_oper_list.vector[2]            0.0000000000 
_pdbx_struct_oper_list.matrix[3][1]         0.0000000000 
_pdbx_struct_oper_list.matrix[3][2]         0.0000000000 
_pdbx_struct_oper_list.matrix[3][3]         1.0000000000 
_pdbx_struct_oper_list.vector[3]            0.0000000000 
# 
loop_
_struct_conn.id 
_struct_conn.conn_type_id 
_struct_conn.pdbx_leaving_atom_flag 
_struct_conn.pdbx_PDB_id 
_struct_conn.ptnr1_label_asym_id 
_struct_conn.ptnr1_label_comp_id 
_struct_conn.ptnr1_label_seq_id 
_struct_conn.ptnr1_label_atom_id 
_struct_conn.pdbx_ptnr1_label_alt_id 
_struct_conn.pdbx_ptnr1_PDB_ins_code 
_struct_conn.pdbx_ptnr1_standard_comp_id 
_struct_conn.ptnr1_symmetry 
_struct_conn.ptnr2_label_asym_id 
_struct_conn.ptnr2_label_comp_id 
_struct_conn.ptnr2_label_seq_id 
_struct_conn.ptnr2_label_atom_id 
_struct_conn.pdbx_ptnr2_label_alt_id 
_struct_conn.pdbx_ptnr2_PDB_ins_code 
_struct_conn.ptnr1_auth_asym_id 
_struct_conn.ptnr1_auth_comp_id 
_struct_conn.ptnr1_auth_seq_id 
_struct_conn.ptnr2_auth_asym_id 
_struct_conn.ptnr2_auth_comp_id 
_struct_conn.ptnr2_auth_seq_id 
_struct_conn.ptnr2_symmetry 
_struct_conn.pdbx_ptnr3_label_atom_id 
_struct_conn.pdbx_ptnr3_label_seq_id 
_struct_conn.pdbx_ptnr3_label_comp_id 
_struct_conn.pdbx_ptnr3_label_asym_id 
_struct_conn.pdbx_ptnr3_label_alt_id 
_struct_conn.pdbx_ptnr3_PDB_ins_code 
_struct_conn.details 
_struct_conn.pdbx_dist_value 
_struct_conn.pdbx_value_order 
_struct_conn.pdbx_role 
covale1  covale both ? A DC  3  "O3'" ? ? ? 1_555 A LVR 4  P  ? ? A DC  3  A LVR 4  1_555  ? ? ? ? ? ? ?            1.591 ? ? 
covale2  covale one  ? A LVR 4  "O3'" ? ? ? 1_555 A DA  5  P  ? ? A LVR 4  A DA  5  1_555  ? ? ? ? ? ? ?            1.576 ? ? 
covale3  covale both ? A DT  8  "O3'" ? ? ? 1_555 A CBR 9  P  ? ? A DT  8  A CBR 9  1_555  ? ? ? ? ? ? ?            1.585 ? ? 
covale4  covale both ? A CBR 9  "O3'" ? ? ? 1_555 A DG  10 P  ? ? A CBR 9  A DG  10 1_555  ? ? ? ? ? ? ?            1.595 ? ? 
covale5  covale both ? B DC  3  "O3'" ? ? ? 1_555 B LVR 4  P  ? ? B DC  3  B LVR 4  1_555  ? ? ? ? ? ? ?            1.597 ? ? 
covale6  covale one  ? B LVR 4  "O3'" ? ? ? 1_555 B DA  5  P  ? ? B LVR 4  B DA  5  1_555  ? ? ? ? ? ? ?            1.588 ? ? 
covale7  covale both ? B DT  8  "O3'" ? ? ? 1_555 B CBR 9  P  ? ? B DT  8  B CBR 9  1_555  ? ? ? ? ? ? ?            1.599 ? ? 
covale8  covale both ? B CBR 9  "O3'" ? ? ? 1_555 B DG  10 P  ? ? B CBR 9  B DG  10 1_555  ? ? ? ? ? ? ?            1.569 ? ? 
hydrog1  hydrog ?    ? A DA  5  N1    ? ? ? 1_555 B DT  8  N3 ? ? A DA  5  B DT  8  1_555  ? ? ? ? ? ? WATSON-CRICK ?     ? ? 
hydrog2  hydrog ?    ? A DA  5  N6    ? ? ? 1_555 B DT  8  O4 ? ? A DA  5  B DT  8  1_555  ? ? ? ? ? ? WATSON-CRICK ?     ? ? 
hydrog3  hydrog ?    ? A DA  6  N1    ? ? ? 1_555 B DT  7  N3 ? ? A DA  6  B DT  7  1_555  ? ? ? ? ? ? WATSON-CRICK ?     ? ? 
hydrog4  hydrog ?    ? A DA  6  N6    ? ? ? 1_555 B DT  7  O4 ? ? A DA  6  B DT  7  1_555  ? ? ? ? ? ? WATSON-CRICK ?     ? ? 
hydrog5  hydrog ?    ? A DT  7  N3    ? ? ? 1_555 B DA  6  N1 ? ? A DT  7  B DA  6  1_555  ? ? ? ? ? ? WATSON-CRICK ?     ? ? 
hydrog6  hydrog ?    ? A DT  7  O4    ? ? ? 1_555 B DA  6  N6 ? ? A DT  7  B DA  6  1_555  ? ? ? ? ? ? WATSON-CRICK ?     ? ? 
hydrog7  hydrog ?    ? A DT  8  N3    ? ? ? 1_555 B DA  5  N1 ? ? A DT  8  B DA  5  1_555  ? ? ? ? ? ? WATSON-CRICK ?     ? ? 
hydrog8  hydrog ?    ? A DT  8  O4    ? ? ? 1_555 B DA  5  N6 ? ? A DT  8  B DA  5  1_555  ? ? ? ? ? ? WATSON-CRICK ?     ? ? 
hydrog9  hydrog ?    ? A CBR 9  N3    ? ? ? 1_555 A DG  12 N1 ? ? A CBR 9  A DG  12 4_665  ? ? ? ? ? ? WATSON-CRICK ?     ? ? 
hydrog10 hydrog ?    ? A CBR 9  N4    ? ? ? 1_555 A DG  12 O6 ? ? A CBR 9  A DG  12 4_665  ? ? ? ? ? ? WATSON-CRICK ?     ? ? 
hydrog11 hydrog ?    ? A CBR 9  O2    ? ? ? 1_555 A DG  12 N2 ? ? A CBR 9  A DG  12 4_665  ? ? ? ? ? ? WATSON-CRICK ?     ? ? 
hydrog12 hydrog ?    ? A DG  10 N1    ? ? ? 1_555 A DC  11 N3 ? ? A DG  10 A DC  11 4_665  ? ? ? ? ? ? WATSON-CRICK ?     ? ? 
hydrog13 hydrog ?    ? A DG  10 N2    ? ? ? 1_555 A DC  11 O2 ? ? A DG  10 A DC  11 4_665  ? ? ? ? ? ? WATSON-CRICK ?     ? ? 
hydrog14 hydrog ?    ? A DG  10 O6    ? ? ? 1_555 A DC  11 N4 ? ? A DG  10 A DC  11 4_665  ? ? ? ? ? ? WATSON-CRICK ?     ? ? 
hydrog15 hydrog ?    ? A DC  11 N3    ? ? ? 1_555 A DG  10 N1 ? ? A DC  11 A DG  10 4_665  ? ? ? ? ? ? WATSON-CRICK ?     ? ? 
hydrog16 hydrog ?    ? A DC  11 N4    ? ? ? 1_555 A DG  10 O6 ? ? A DC  11 A DG  10 4_665  ? ? ? ? ? ? WATSON-CRICK ?     ? ? 
hydrog17 hydrog ?    ? A DC  11 O2    ? ? ? 1_555 A DG  10 N2 ? ? A DC  11 A DG  10 4_665  ? ? ? ? ? ? WATSON-CRICK ?     ? ? 
hydrog18 hydrog ?    ? A DG  12 N1    ? ? ? 1_555 A CBR 9  N3 ? ? A DG  12 A CBR 9  4_665  ? ? ? ? ? ? WATSON-CRICK ?     ? ? 
hydrog19 hydrog ?    ? A DG  12 N2    ? ? ? 1_555 A CBR 9  O2 ? ? A DG  12 A CBR 9  4_665  ? ? ? ? ? ? WATSON-CRICK ?     ? ? 
hydrog20 hydrog ?    ? A DG  12 O6    ? ? ? 1_555 A CBR 9  N4 ? ? A DG  12 A CBR 9  4_665  ? ? ? ? ? ? WATSON-CRICK ?     ? ? 
hydrog21 hydrog ?    ? B CBR 9  N3    ? ? ? 1_555 B DG  12 N1 ? ? B CBR 9  B DG  12 12_555 ? ? ? ? ? ? WATSON-CRICK ?     ? ? 
hydrog22 hydrog ?    ? B CBR 9  N4    ? ? ? 1_555 B DG  12 O6 ? ? B CBR 9  B DG  12 12_555 ? ? ? ? ? ? WATSON-CRICK ?     ? ? 
hydrog23 hydrog ?    ? B CBR 9  O2    ? ? ? 1_555 B DG  12 N2 ? ? B CBR 9  B DG  12 12_555 ? ? ? ? ? ? WATSON-CRICK ?     ? ? 
hydrog24 hydrog ?    ? B DG  10 N1    ? ? ? 1_555 B DC  11 N3 ? ? B DG  10 B DC  11 12_555 ? ? ? ? ? ? WATSON-CRICK ?     ? ? 
hydrog25 hydrog ?    ? B DG  10 N2    ? ? ? 1_555 B DC  11 O2 ? ? B DG  10 B DC  11 12_555 ? ? ? ? ? ? WATSON-CRICK ?     ? ? 
hydrog26 hydrog ?    ? B DG  10 O6    ? ? ? 1_555 B DC  11 N4 ? ? B DG  10 B DC  11 12_555 ? ? ? ? ? ? WATSON-CRICK ?     ? ? 
hydrog27 hydrog ?    ? B DC  11 N3    ? ? ? 1_555 B DG  10 N1 ? ? B DC  11 B DG  10 12_555 ? ? ? ? ? ? WATSON-CRICK ?     ? ? 
hydrog28 hydrog ?    ? B DC  11 N4    ? ? ? 1_555 B DG  10 O6 ? ? B DC  11 B DG  10 12_555 ? ? ? ? ? ? WATSON-CRICK ?     ? ? 
hydrog29 hydrog ?    ? B DC  11 O2    ? ? ? 1_555 B DG  10 N2 ? ? B DC  11 B DG  10 12_555 ? ? ? ? ? ? WATSON-CRICK ?     ? ? 
hydrog30 hydrog ?    ? B DG  12 N1    ? ? ? 1_555 B CBR 9  N3 ? ? B DG  12 B CBR 9  12_555 ? ? ? ? ? ? WATSON-CRICK ?     ? ? 
hydrog31 hydrog ?    ? B DG  12 N2    ? ? ? 1_555 B CBR 9  O2 ? ? B DG  12 B CBR 9  12_555 ? ? ? ? ? ? WATSON-CRICK ?     ? ? 
hydrog32 hydrog ?    ? B DG  12 O6    ? ? ? 1_555 B CBR 9  N4 ? ? B DG  12 B CBR 9  12_555 ? ? ? ? ? ? WATSON-CRICK ?     ? ? 
# 
loop_
_struct_conn_type.id 
_struct_conn_type.criteria 
_struct_conn_type.reference 
covale ? ? 
hydrog ? ? 
# 
_pdbx_validate_planes.id              1 
_pdbx_validate_planes.PDB_model_num   1 
_pdbx_validate_planes.auth_comp_id    DT 
_pdbx_validate_planes.auth_asym_id    A 
_pdbx_validate_planes.auth_seq_id     8 
_pdbx_validate_planes.PDB_ins_code    ? 
_pdbx_validate_planes.label_alt_id    ? 
_pdbx_validate_planes.rmsd            0.062 
_pdbx_validate_planes.type            'SIDE CHAIN' 
# 
_pdbx_struct_special_symmetry.id              1 
_pdbx_struct_special_symmetry.PDB_model_num   1 
_pdbx_struct_special_symmetry.auth_asym_id    B 
_pdbx_struct_special_symmetry.auth_comp_id    HOH 
_pdbx_struct_special_symmetry.auth_seq_id     214 
_pdbx_struct_special_symmetry.PDB_ins_code    ? 
_pdbx_struct_special_symmetry.label_asym_id   H 
_pdbx_struct_special_symmetry.label_comp_id   HOH 
_pdbx_struct_special_symmetry.label_seq_id    . 
# 
_pdbx_entry_details.entry_id                 7U38 
_pdbx_entry_details.has_ligand_of_interest   Y 
_pdbx_entry_details.compound_details         ? 
_pdbx_entry_details.source_details           ? 
_pdbx_entry_details.nonpolymer_details       ? 
_pdbx_entry_details.sequence_details         ? 
# 
_pdbx_distant_solvent_atoms.id                                1 
_pdbx_distant_solvent_atoms.PDB_model_num                     1 
_pdbx_distant_solvent_atoms.auth_atom_id                      O 
_pdbx_distant_solvent_atoms.label_alt_id                      ? 
_pdbx_distant_solvent_atoms.auth_asym_id                      B 
_pdbx_distant_solvent_atoms.auth_comp_id                      HOH 
_pdbx_distant_solvent_atoms.auth_seq_id                       217 
_pdbx_distant_solvent_atoms.PDB_ins_code                      ? 
_pdbx_distant_solvent_atoms.neighbor_macromolecule_distance   5.93 
_pdbx_distant_solvent_atoms.neighbor_ligand_distance          . 
# 
loop_
_chem_comp_atom.comp_id 
_chem_comp_atom.atom_id 
_chem_comp_atom.type_symbol 
_chem_comp_atom.pdbx_aromatic_flag 
_chem_comp_atom.pdbx_stereo_config 
_chem_comp_atom.pdbx_ordinal 
CBR BR     BR N N 1   
CBR P      P  N N 2   
CBR OP1    O  N N 3   
CBR OP2    O  N N 4   
CBR "O5'"  O  N N 5   
CBR N1     N  N N 6   
CBR C6     C  N N 7   
CBR C2     C  N N 8   
CBR O2     O  N N 9   
CBR N3     N  N N 10  
CBR C4     C  N N 11  
CBR N4     N  N N 12  
CBR C5     C  N N 13  
CBR "C2'"  C  N N 14  
CBR "C5'"  C  N N 15  
CBR "C4'"  C  N R 16  
CBR "O4'"  O  N N 17  
CBR "C1'"  C  N R 18  
CBR "C3'"  C  N S 19  
CBR "O3'"  O  N N 20  
CBR OP3    O  N N 21  
CBR HOP2   H  N N 22  
CBR H6     H  N N 23  
CBR H41    H  N N 24  
CBR H42    H  N N 25  
CBR "H2'"  H  N N 26  
CBR "H2''" H  N N 27  
CBR "H5'"  H  N N 28  
CBR "H5''" H  N N 29  
CBR "H4'"  H  N N 30  
CBR "H1'"  H  N N 31  
CBR "H3'"  H  N N 32  
CBR "HO3'" H  N N 33  
CBR HOP3   H  N N 34  
DA  OP3    O  N N 35  
DA  P      P  N N 36  
DA  OP1    O  N N 37  
DA  OP2    O  N N 38  
DA  "O5'"  O  N N 39  
DA  "C5'"  C  N N 40  
DA  "C4'"  C  N R 41  
DA  "O4'"  O  N N 42  
DA  "C3'"  C  N S 43  
DA  "O3'"  O  N N 44  
DA  "C2'"  C  N N 45  
DA  "C1'"  C  N R 46  
DA  N9     N  Y N 47  
DA  C8     C  Y N 48  
DA  N7     N  Y N 49  
DA  C5     C  Y N 50  
DA  C6     C  Y N 51  
DA  N6     N  N N 52  
DA  N1     N  Y N 53  
DA  C2     C  Y N 54  
DA  N3     N  Y N 55  
DA  C4     C  Y N 56  
DA  HOP3   H  N N 57  
DA  HOP2   H  N N 58  
DA  "H5'"  H  N N 59  
DA  "H5''" H  N N 60  
DA  "H4'"  H  N N 61  
DA  "H3'"  H  N N 62  
DA  "HO3'" H  N N 63  
DA  "H2'"  H  N N 64  
DA  "H2''" H  N N 65  
DA  "H1'"  H  N N 66  
DA  H8     H  N N 67  
DA  H61    H  N N 68  
DA  H62    H  N N 69  
DA  H2     H  N N 70  
DC  OP3    O  N N 71  
DC  P      P  N N 72  
DC  OP1    O  N N 73  
DC  OP2    O  N N 74  
DC  "O5'"  O  N N 75  
DC  "C5'"  C  N N 76  
DC  "C4'"  C  N R 77  
DC  "O4'"  O  N N 78  
DC  "C3'"  C  N S 79  
DC  "O3'"  O  N N 80  
DC  "C2'"  C  N N 81  
DC  "C1'"  C  N R 82  
DC  N1     N  N N 83  
DC  C2     C  N N 84  
DC  O2     O  N N 85  
DC  N3     N  N N 86  
DC  C4     C  N N 87  
DC  N4     N  N N 88  
DC  C5     C  N N 89  
DC  C6     C  N N 90  
DC  HOP3   H  N N 91  
DC  HOP2   H  N N 92  
DC  "H5'"  H  N N 93  
DC  "H5''" H  N N 94  
DC  "H4'"  H  N N 95  
DC  "H3'"  H  N N 96  
DC  "HO3'" H  N N 97  
DC  "H2'"  H  N N 98  
DC  "H2''" H  N N 99  
DC  "H1'"  H  N N 100 
DC  H41    H  N N 101 
DC  H42    H  N N 102 
DC  H5     H  N N 103 
DC  H6     H  N N 104 
DG  OP3    O  N N 105 
DG  P      P  N N 106 
DG  OP1    O  N N 107 
DG  OP2    O  N N 108 
DG  "O5'"  O  N N 109 
DG  "C5'"  C  N N 110 
DG  "C4'"  C  N R 111 
DG  "O4'"  O  N N 112 
DG  "C3'"  C  N S 113 
DG  "O3'"  O  N N 114 
DG  "C2'"  C  N N 115 
DG  "C1'"  C  N R 116 
DG  N9     N  Y N 117 
DG  C8     C  Y N 118 
DG  N7     N  Y N 119 
DG  C5     C  Y N 120 
DG  C6     C  N N 121 
DG  O6     O  N N 122 
DG  N1     N  N N 123 
DG  C2     C  N N 124 
DG  N2     N  N N 125 
DG  N3     N  N N 126 
DG  C4     C  Y N 127 
DG  HOP3   H  N N 128 
DG  HOP2   H  N N 129 
DG  "H5'"  H  N N 130 
DG  "H5''" H  N N 131 
DG  "H4'"  H  N N 132 
DG  "H3'"  H  N N 133 
DG  "HO3'" H  N N 134 
DG  "H2'"  H  N N 135 
DG  "H2''" H  N N 136 
DG  "H1'"  H  N N 137 
DG  H8     H  N N 138 
DG  H1     H  N N 139 
DG  H21    H  N N 140 
DG  H22    H  N N 141 
DT  OP3    O  N N 142 
DT  P      P  N N 143 
DT  OP1    O  N N 144 
DT  OP2    O  N N 145 
DT  "O5'"  O  N N 146 
DT  "C5'"  C  N N 147 
DT  "C4'"  C  N R 148 
DT  "O4'"  O  N N 149 
DT  "C3'"  C  N S 150 
DT  "O3'"  O  N N 151 
DT  "C2'"  C  N N 152 
DT  "C1'"  C  N R 153 
DT  N1     N  N N 154 
DT  C2     C  N N 155 
DT  O2     O  N N 156 
DT  N3     N  N N 157 
DT  C4     C  N N 158 
DT  O4     O  N N 159 
DT  C5     C  N N 160 
DT  C7     C  N N 161 
DT  C6     C  N N 162 
DT  HOP3   H  N N 163 
DT  HOP2   H  N N 164 
DT  "H5'"  H  N N 165 
DT  "H5''" H  N N 166 
DT  "H4'"  H  N N 167 
DT  "H3'"  H  N N 168 
DT  "HO3'" H  N N 169 
DT  "H2'"  H  N N 170 
DT  "H2''" H  N N 171 
DT  "H1'"  H  N N 172 
DT  H3     H  N N 173 
DT  H71    H  N N 174 
DT  H72    H  N N 175 
DT  H73    H  N N 176 
DT  H6     H  N N 177 
EDO C1     C  N N 178 
EDO O1     O  N N 179 
EDO C2     C  N N 180 
EDO O2     O  N N 181 
EDO H11    H  N N 182 
EDO H12    H  N N 183 
EDO HO1    H  N N 184 
EDO H21    H  N N 185 
EDO H22    H  N N 186 
EDO HO2    H  N N 187 
HOH O      O  N N 188 
HOH H1     H  N N 189 
HOH H2     H  N N 190 
LVR OP1    O  N N 191 
LVR P      P  N N 192 
LVR OP2    O  N N 193 
LVR "O5'"  O  N N 194 
LVR "C5'"  C  N N 195 
LVR "C4'"  C  N S 196 
LVR "O4'"  O  N N 197 
LVR "C3'"  C  N S 198 
LVR "O3'"  O  N N 199 
LVR "C2'"  C  N N 200 
LVR "C1'"  C  N N 201 
LVR NAT    N  N N 202 
LVR CAP    C  N N 203 
LVR CAR    C  N N 204 
LVR NAV    N  N N 205 
LVR CAZ    C  Y N 206 
LVR CAJ    C  Y N 207 
LVR CAI    C  Y N 208 
LVR CBF    C  Y N 209 
LVR CBB    C  N N 210 
LVR OAB    O  N N 211 
LVR CBD    C  Y N 212 
LVR CAX    C  Y N 213 
LVR NAH    N  Y N 214 
LVR CAG    C  Y N 215 
LVR CAW    C  Y N 216 
LVR CBC    C  Y N 217 
LVR CBA    C  N N 218 
LVR OAA    O  N N 219 
LVR CBE    C  Y N 220 
LVR CAY    C  Y N 221 
LVR NAU    N  N N 222 
LVR CAQ    C  N N 223 
LVR CAO    C  N N 224 
LVR NAS    N  N N 225 
LVR H2     H  N N 226 
LVR H3     H  N N 227 
LVR H4     H  N N 228 
LVR H5     H  N N 229 
LVR H6     H  N N 230 
LVR H7     H  N N 231 
LVR H8     H  N N 232 
LVR H9     H  N N 233 
LVR H10    H  N N 234 
LVR H11    H  N N 235 
LVR H12    H  N N 236 
LVR H13    H  N N 237 
LVR H15    H  N N 238 
LVR H16    H  N N 239 
LVR H17    H  N N 240 
LVR H18    H  N N 241 
LVR H19    H  N N 242 
LVR H20    H  N N 243 
LVR H21    H  N N 244 
LVR H22    H  N N 245 
LVR H23    H  N N 246 
LVR H24    H  N N 247 
LVR H25    H  N N 248 
LVR H26    H  N N 249 
LVR H27    H  N N 250 
LVR H28    H  N N 251 
LVR H29    H  N N 252 
LVR H30    H  N N 253 
LVR H31    H  N N 254 
LVR OP3    O  N N 255 
LVR HO3    H  N N 256 
# 
loop_
_chem_comp_bond.comp_id 
_chem_comp_bond.atom_id_1 
_chem_comp_bond.atom_id_2 
_chem_comp_bond.value_order 
_chem_comp_bond.pdbx_aromatic_flag 
_chem_comp_bond.pdbx_stereo_config 
_chem_comp_bond.pdbx_ordinal 
CBR BR    C5     sing N N 1   
CBR P     OP1    doub N N 2   
CBR P     OP2    sing N N 3   
CBR P     "O5'"  sing N N 4   
CBR P     OP3    sing N N 5   
CBR OP2   HOP2   sing N N 6   
CBR "O5'" "C5'"  sing N N 7   
CBR N1    C6     sing N N 8   
CBR N1    C2     sing N N 9   
CBR N1    "C1'"  sing N N 10  
CBR C6    C5     doub N N 11  
CBR C6    H6     sing N N 12  
CBR C2    O2     doub N N 13  
CBR C2    N3     sing N N 14  
CBR N3    C4     doub N N 15  
CBR C4    N4     sing N N 16  
CBR C4    C5     sing N N 17  
CBR N4    H41    sing N N 18  
CBR N4    H42    sing N N 19  
CBR "C2'" "C1'"  sing N N 20  
CBR "C2'" "C3'"  sing N N 21  
CBR "C2'" "H2'"  sing N N 22  
CBR "C2'" "H2''" sing N N 23  
CBR "C5'" "C4'"  sing N N 24  
CBR "C5'" "H5'"  sing N N 25  
CBR "C5'" "H5''" sing N N 26  
CBR "C4'" "O4'"  sing N N 27  
CBR "C4'" "C3'"  sing N N 28  
CBR "C4'" "H4'"  sing N N 29  
CBR "O4'" "C1'"  sing N N 30  
CBR "C1'" "H1'"  sing N N 31  
CBR "C3'" "O3'"  sing N N 32  
CBR "C3'" "H3'"  sing N N 33  
CBR "O3'" "HO3'" sing N N 34  
CBR OP3   HOP3   sing N N 35  
DA  OP3   P      sing N N 36  
DA  OP3   HOP3   sing N N 37  
DA  P     OP1    doub N N 38  
DA  P     OP2    sing N N 39  
DA  P     "O5'"  sing N N 40  
DA  OP2   HOP2   sing N N 41  
DA  "O5'" "C5'"  sing N N 42  
DA  "C5'" "C4'"  sing N N 43  
DA  "C5'" "H5'"  sing N N 44  
DA  "C5'" "H5''" sing N N 45  
DA  "C4'" "O4'"  sing N N 46  
DA  "C4'" "C3'"  sing N N 47  
DA  "C4'" "H4'"  sing N N 48  
DA  "O4'" "C1'"  sing N N 49  
DA  "C3'" "O3'"  sing N N 50  
DA  "C3'" "C2'"  sing N N 51  
DA  "C3'" "H3'"  sing N N 52  
DA  "O3'" "HO3'" sing N N 53  
DA  "C2'" "C1'"  sing N N 54  
DA  "C2'" "H2'"  sing N N 55  
DA  "C2'" "H2''" sing N N 56  
DA  "C1'" N9     sing N N 57  
DA  "C1'" "H1'"  sing N N 58  
DA  N9    C8     sing Y N 59  
DA  N9    C4     sing Y N 60  
DA  C8    N7     doub Y N 61  
DA  C8    H8     sing N N 62  
DA  N7    C5     sing Y N 63  
DA  C5    C6     sing Y N 64  
DA  C5    C4     doub Y N 65  
DA  C6    N6     sing N N 66  
DA  C6    N1     doub Y N 67  
DA  N6    H61    sing N N 68  
DA  N6    H62    sing N N 69  
DA  N1    C2     sing Y N 70  
DA  C2    N3     doub Y N 71  
DA  C2    H2     sing N N 72  
DA  N3    C4     sing Y N 73  
DC  OP3   P      sing N N 74  
DC  OP3   HOP3   sing N N 75  
DC  P     OP1    doub N N 76  
DC  P     OP2    sing N N 77  
DC  P     "O5'"  sing N N 78  
DC  OP2   HOP2   sing N N 79  
DC  "O5'" "C5'"  sing N N 80  
DC  "C5'" "C4'"  sing N N 81  
DC  "C5'" "H5'"  sing N N 82  
DC  "C5'" "H5''" sing N N 83  
DC  "C4'" "O4'"  sing N N 84  
DC  "C4'" "C3'"  sing N N 85  
DC  "C4'" "H4'"  sing N N 86  
DC  "O4'" "C1'"  sing N N 87  
DC  "C3'" "O3'"  sing N N 88  
DC  "C3'" "C2'"  sing N N 89  
DC  "C3'" "H3'"  sing N N 90  
DC  "O3'" "HO3'" sing N N 91  
DC  "C2'" "C1'"  sing N N 92  
DC  "C2'" "H2'"  sing N N 93  
DC  "C2'" "H2''" sing N N 94  
DC  "C1'" N1     sing N N 95  
DC  "C1'" "H1'"  sing N N 96  
DC  N1    C2     sing N N 97  
DC  N1    C6     sing N N 98  
DC  C2    O2     doub N N 99  
DC  C2    N3     sing N N 100 
DC  N3    C4     doub N N 101 
DC  C4    N4     sing N N 102 
DC  C4    C5     sing N N 103 
DC  N4    H41    sing N N 104 
DC  N4    H42    sing N N 105 
DC  C5    C6     doub N N 106 
DC  C5    H5     sing N N 107 
DC  C6    H6     sing N N 108 
DG  OP3   P      sing N N 109 
DG  OP3   HOP3   sing N N 110 
DG  P     OP1    doub N N 111 
DG  P     OP2    sing N N 112 
DG  P     "O5'"  sing N N 113 
DG  OP2   HOP2   sing N N 114 
DG  "O5'" "C5'"  sing N N 115 
DG  "C5'" "C4'"  sing N N 116 
DG  "C5'" "H5'"  sing N N 117 
DG  "C5'" "H5''" sing N N 118 
DG  "C4'" "O4'"  sing N N 119 
DG  "C4'" "C3'"  sing N N 120 
DG  "C4'" "H4'"  sing N N 121 
DG  "O4'" "C1'"  sing N N 122 
DG  "C3'" "O3'"  sing N N 123 
DG  "C3'" "C2'"  sing N N 124 
DG  "C3'" "H3'"  sing N N 125 
DG  "O3'" "HO3'" sing N N 126 
DG  "C2'" "C1'"  sing N N 127 
DG  "C2'" "H2'"  sing N N 128 
DG  "C2'" "H2''" sing N N 129 
DG  "C1'" N9     sing N N 130 
DG  "C1'" "H1'"  sing N N 131 
DG  N9    C8     sing Y N 132 
DG  N9    C4     sing Y N 133 
DG  C8    N7     doub Y N 134 
DG  C8    H8     sing N N 135 
DG  N7    C5     sing Y N 136 
DG  C5    C6     sing N N 137 
DG  C5    C4     doub Y N 138 
DG  C6    O6     doub N N 139 
DG  C6    N1     sing N N 140 
DG  N1    C2     sing N N 141 
DG  N1    H1     sing N N 142 
DG  C2    N2     sing N N 143 
DG  C2    N3     doub N N 144 
DG  N2    H21    sing N N 145 
DG  N2    H22    sing N N 146 
DG  N3    C4     sing N N 147 
DT  OP3   P      sing N N 148 
DT  OP3   HOP3   sing N N 149 
DT  P     OP1    doub N N 150 
DT  P     OP2    sing N N 151 
DT  P     "O5'"  sing N N 152 
DT  OP2   HOP2   sing N N 153 
DT  "O5'" "C5'"  sing N N 154 
DT  "C5'" "C4'"  sing N N 155 
DT  "C5'" "H5'"  sing N N 156 
DT  "C5'" "H5''" sing N N 157 
DT  "C4'" "O4'"  sing N N 158 
DT  "C4'" "C3'"  sing N N 159 
DT  "C4'" "H4'"  sing N N 160 
DT  "O4'" "C1'"  sing N N 161 
DT  "C3'" "O3'"  sing N N 162 
DT  "C3'" "C2'"  sing N N 163 
DT  "C3'" "H3'"  sing N N 164 
DT  "O3'" "HO3'" sing N N 165 
DT  "C2'" "C1'"  sing N N 166 
DT  "C2'" "H2'"  sing N N 167 
DT  "C2'" "H2''" sing N N 168 
DT  "C1'" N1     sing N N 169 
DT  "C1'" "H1'"  sing N N 170 
DT  N1    C2     sing N N 171 
DT  N1    C6     sing N N 172 
DT  C2    O2     doub N N 173 
DT  C2    N3     sing N N 174 
DT  N3    C4     sing N N 175 
DT  N3    H3     sing N N 176 
DT  C4    O4     doub N N 177 
DT  C4    C5     sing N N 178 
DT  C5    C7     sing N N 179 
DT  C5    C6     doub N N 180 
DT  C7    H71    sing N N 181 
DT  C7    H72    sing N N 182 
DT  C7    H73    sing N N 183 
DT  C6    H6     sing N N 184 
EDO C1    O1     sing N N 185 
EDO C1    C2     sing N N 186 
EDO C1    H11    sing N N 187 
EDO C1    H12    sing N N 188 
EDO O1    HO1    sing N N 189 
EDO C2    O2     sing N N 190 
EDO C2    H21    sing N N 191 
EDO C2    H22    sing N N 192 
EDO O2    HO2    sing N N 193 
HOH O     H1     sing N N 194 
HOH O     H2     sing N N 195 
LVR CAP   NAT    sing N N 196 
LVR CAP   CAR    sing N N 197 
LVR NAT   "C1'"  sing N N 198 
LVR "C1'" "C2'"  sing N N 199 
LVR "C2'" "C3'"  sing N N 200 
LVR "O3'" "C3'"  sing N N 201 
LVR CAO   NAS    sing N N 202 
LVR CAO   CAQ    sing N N 203 
LVR CAR   NAV    sing N N 204 
LVR NAV   CAZ    sing N N 205 
LVR CAJ   CAZ    doub Y N 206 
LVR CAJ   CAI    sing Y N 207 
LVR "C3'" "C4'"  sing N N 208 
LVR CAZ   CBF    sing Y N 209 
LVR CAI   CAY    doub Y N 210 
LVR "O4'" "C4'"  sing N N 211 
LVR "C4'" "C5'"  sing N N 212 
LVR CBF   CBB    sing N N 213 
LVR CBF   CBE    doub Y N 214 
LVR OAB   CBB    doub N N 215 
LVR CAY   CBE    sing Y N 216 
LVR CAY   NAU    sing N N 217 
LVR CBB   CBD    sing N N 218 
LVR CBE   CBA    sing N N 219 
LVR NAU   CAQ    sing N N 220 
LVR CBD   CAX    doub Y N 221 
LVR CBD   CBC    sing Y N 222 
LVR CBA   CBC    sing N N 223 
LVR CBA   OAA    doub N N 224 
LVR CAX   NAH    sing Y N 225 
LVR CBC   CAW    doub Y N 226 
LVR "C5'" "O5'"  sing N N 227 
LVR NAH   CAG    doub Y N 228 
LVR CAW   CAG    sing Y N 229 
LVR "O5'" P      sing N N 230 
LVR P     OP1    doub N N 231 
LVR P     OP2    sing N N 232 
LVR OP2   H2     sing N N 233 
LVR "C5'" H3     sing N N 234 
LVR "C5'" H4     sing N N 235 
LVR "C4'" H5     sing N N 236 
LVR "O4'" H6     sing N N 237 
LVR "C3'" H7     sing N N 238 
LVR "O3'" H8     sing N N 239 
LVR "C2'" H9     sing N N 240 
LVR "C2'" H10    sing N N 241 
LVR "C1'" H11    sing N N 242 
LVR "C1'" H12    sing N N 243 
LVR NAT   H13    sing N N 244 
LVR CAP   H15    sing N N 245 
LVR CAP   H16    sing N N 246 
LVR CAR   H17    sing N N 247 
LVR CAR   H18    sing N N 248 
LVR NAV   H19    sing N N 249 
LVR CAJ   H20    sing N N 250 
LVR CAI   H21    sing N N 251 
LVR CAX   H22    sing N N 252 
LVR CAG   H23    sing N N 253 
LVR CAW   H24    sing N N 254 
LVR NAU   H25    sing N N 255 
LVR CAQ   H26    sing N N 256 
LVR CAQ   H27    sing N N 257 
LVR CAO   H28    sing N N 258 
LVR CAO   H29    sing N N 259 
LVR NAS   H30    sing N N 260 
LVR NAS   H31    sing N N 261 
LVR P     OP3    sing N N 262 
LVR OP3   HO3    sing N N 263 
# 
_ndb_struct_conf_na.entry_id   7U38 
_ndb_struct_conf_na.feature    'b-form double helix' 
# 
loop_
_ndb_struct_na_base_pair.model_number 
_ndb_struct_na_base_pair.i_label_asym_id 
_ndb_struct_na_base_pair.i_label_comp_id 
_ndb_struct_na_base_pair.i_label_seq_id 
_ndb_struct_na_base_pair.i_symmetry 
_ndb_struct_na_base_pair.j_label_asym_id 
_ndb_struct_na_base_pair.j_label_comp_id 
_ndb_struct_na_base_pair.j_label_seq_id 
_ndb_struct_na_base_pair.j_symmetry 
_ndb_struct_na_base_pair.shear 
_ndb_struct_na_base_pair.stretch 
_ndb_struct_na_base_pair.stagger 
_ndb_struct_na_base_pair.buckle 
_ndb_struct_na_base_pair.propeller 
_ndb_struct_na_base_pair.opening 
_ndb_struct_na_base_pair.pair_number 
_ndb_struct_na_base_pair.pair_name 
_ndb_struct_na_base_pair.i_auth_asym_id 
_ndb_struct_na_base_pair.i_auth_seq_id 
_ndb_struct_na_base_pair.i_PDB_ins_code 
_ndb_struct_na_base_pair.j_auth_asym_id 
_ndb_struct_na_base_pair.j_auth_seq_id 
_ndb_struct_na_base_pair.j_PDB_ins_code 
_ndb_struct_na_base_pair.hbond_type_28 
_ndb_struct_na_base_pair.hbond_type_12 
1 A DA  5  1_555 B DT  8  1_555  0.201  -0.184 -0.193 -2.067 -11.197 2.290  1  A_DA5:DT8_B   A 5  ? B 8  ? 20 1 
1 A DA  6  1_555 B DT  7  1_555  -0.075 -0.236 -0.026 3.995  -13.361 2.123  2  A_DA6:DT7_B   A 6  ? B 7  ? 20 1 
1 A DT  7  1_555 B DA  6  1_555  0.129  -0.201 0.154  1.574  -12.700 2.998  3  A_DT7:DA6_B   A 7  ? B 6  ? 20 1 
1 A DT  8  1_555 B DA  5  1_555  -0.239 -0.236 -0.081 4.731  -7.893  0.962  4  A_DT8:DA5_B   A 8  ? B 5  ? 20 1 
1 A CBR 9  1_555 A DG  12 4_665  0.205  -0.221 -0.019 -2.827 -12.640 1.129  5  A_CBR9:DG12_A A 9  ? A 12 ? 19 1 
1 A DG  10 1_555 A DC  11 4_665  -0.217 -0.382 0.208  3.299  -5.016  3.350  6  A_DG10:DC11_A A 10 ? A 11 ? 19 1 
1 A DC  11 1_555 A DG  10 4_665  0.217  -0.382 0.208  -3.299 -5.016  3.350  7  A_DC11:DG10_A A 11 ? A 10 ? 19 1 
1 A DG  12 1_555 A CBR 9  4_665  -0.205 -0.221 -0.019 2.827  -12.640 1.129  8  A_DG12:CBR9_A A 12 ? A 9  ? 19 1 
1 B CBR 9  1_555 B DG  12 12_555 0.047  -0.185 -0.005 -2.110 -12.206 -1.969 9  B_CBR9:DG12_B B 9  ? B 12 ? 19 1 
1 B DG  10 1_555 B DC  11 12_555 -0.109 -0.146 -0.255 -9.500 -2.689  -1.763 10 B_DG10:DC11_B B 10 ? B 11 ? 19 1 
1 B DC  11 1_555 B DG  10 12_555 0.109  -0.146 -0.255 9.500  -2.689  -1.763 11 B_DC11:DG10_B B 11 ? B 10 ? 19 1 
1 B DG  12 1_555 B CBR 9  12_555 -0.047 -0.185 -0.005 2.110  -12.206 -1.969 12 B_DG12:CBR9_B B 12 ? B 9  ? 19 1 
# 
loop_
_ndb_struct_na_base_pair_step.model_number 
_ndb_struct_na_base_pair_step.i_label_asym_id_1 
_ndb_struct_na_base_pair_step.i_label_comp_id_1 
_ndb_struct_na_base_pair_step.i_label_seq_id_1 
_ndb_struct_na_base_pair_step.i_symmetry_1 
_ndb_struct_na_base_pair_step.j_label_asym_id_1 
_ndb_struct_na_base_pair_step.j_label_comp_id_1 
_ndb_struct_na_base_pair_step.j_label_seq_id_1 
_ndb_struct_na_base_pair_step.j_symmetry_1 
_ndb_struct_na_base_pair_step.i_label_asym_id_2 
_ndb_struct_na_base_pair_step.i_label_comp_id_2 
_ndb_struct_na_base_pair_step.i_label_seq_id_2 
_ndb_struct_na_base_pair_step.i_symmetry_2 
_ndb_struct_na_base_pair_step.j_label_asym_id_2 
_ndb_struct_na_base_pair_step.j_label_comp_id_2 
_ndb_struct_na_base_pair_step.j_label_seq_id_2 
_ndb_struct_na_base_pair_step.j_symmetry_2 
_ndb_struct_na_base_pair_step.shift 
_ndb_struct_na_base_pair_step.slide 
_ndb_struct_na_base_pair_step.rise 
_ndb_struct_na_base_pair_step.tilt 
_ndb_struct_na_base_pair_step.roll 
_ndb_struct_na_base_pair_step.twist 
_ndb_struct_na_base_pair_step.x_displacement 
_ndb_struct_na_base_pair_step.y_displacement 
_ndb_struct_na_base_pair_step.helical_rise 
_ndb_struct_na_base_pair_step.inclination 
_ndb_struct_na_base_pair_step.tip 
_ndb_struct_na_base_pair_step.helical_twist 
_ndb_struct_na_base_pair_step.step_number 
_ndb_struct_na_base_pair_step.step_name 
_ndb_struct_na_base_pair_step.i_auth_asym_id_1 
_ndb_struct_na_base_pair_step.i_auth_seq_id_1 
_ndb_struct_na_base_pair_step.i_PDB_ins_code_1 
_ndb_struct_na_base_pair_step.j_auth_asym_id_1 
_ndb_struct_na_base_pair_step.j_auth_seq_id_1 
_ndb_struct_na_base_pair_step.j_PDB_ins_code_1 
_ndb_struct_na_base_pair_step.i_auth_asym_id_2 
_ndb_struct_na_base_pair_step.i_auth_seq_id_2 
_ndb_struct_na_base_pair_step.i_PDB_ins_code_2 
_ndb_struct_na_base_pair_step.j_auth_asym_id_2 
_ndb_struct_na_base_pair_step.j_auth_seq_id_2 
_ndb_struct_na_base_pair_step.j_PDB_ins_code_2 
1 A DA  5  1_555 B DT 8  1_555  A DA 6  1_555 B DT  7  1_555  -0.039 -0.407 3.077 0.285  -3.725 34.655 -0.143 0.106  3.102 -6.232 
-0.476 34.850 1 AA_DA5DA6:DT7DT8_BB     A 5  ? B 8  ? A 6  ? B 7  ? 
1 A DA  6  1_555 B DT 7  1_555  A DT 7  1_555 B DA  6  1_555  0.178  -0.770 3.279 -1.362 -2.147 33.647 -0.975 -0.529 3.311 -3.703 
2.349  33.740 2 AA_DA6DT7:DA6DT7_BB     A 6  ? B 7  ? A 7  ? B 6  ? 
1 A DT  7  1_555 B DA 6  1_555  A DT 8  1_555 B DA  5  1_555  0.056  -0.478 3.200 0.553  -2.719 36.564 -0.393 -0.014 3.226 -4.326 
-0.880 36.666 3 AA_DT7DT8:DA5DA6_BB     A 7  ? B 6  ? A 8  ? B 5  ? 
1 A CBR 9  1_555 A DG 12 4_665  A DG 10 1_555 A DC  11 4_665  0.167  0.472  3.205 -3.545 11.263 29.513 -1.219 -0.960 3.131 21.077 
6.633  31.738 4 AA_CBR9DG10:DC11DG12_AA A 9  ? A 12 ? A 10 ? A 11 ? 
1 A DG  10 1_555 A DC 11 4_665  A DC 11 1_555 A DG  10 4_665  0.000  -0.313 3.425 0.000  3.440  32.334 -1.186 0.000  3.375 6.156  
0.000  32.512 5 AA_DG10DC11:DG10DC11_AA A 10 ? A 11 ? A 11 ? A 10 ? 
1 A DC  11 1_555 A DG 10 4_665  A DG 12 1_555 A CBR 9  4_665  -0.167 0.472  3.205 3.545  11.263 29.513 -1.219 0.960  3.131 21.077 
-6.633 31.738 6 AA_DC11DG12:CBR9DG10_AA A 11 ? A 10 ? A 12 ? A 9  ? 
1 B CBR 9  1_555 B DG 12 12_555 B DG 10 1_555 B DC  11 12_555 0.495  0.510  3.449 0.961  7.306  37.917 -0.195 -0.622 3.495 11.116 
-1.462 38.600 7 BB_CBR9DG10:DC11DG12_BB B 9  ? B 12 ? B 10 ? B 11 ? 
1 B DG  10 1_555 B DC 11 12_555 B DC 11 1_555 B DG  10 12_555 0.000  0.102  2.783 0.000  7.360  19.600 -2.406 0.000  2.645 20.701 
0.000  20.923 8 BB_DG10DC11:DG10DC11_BB B 10 ? B 11 ? B 11 ? B 10 ? 
1 B DC  11 1_555 B DG 10 12_555 B DG 12 1_555 B CBR 9  12_555 -0.495 0.510  3.449 -0.961 7.306  37.917 -0.195 0.622  3.495 11.116 
1.462  38.600 9 BB_DC11DG12:CBR9DG10_BB B 11 ? B 10 ? B 12 ? B 9  ? 
# 
_pdbx_audit_support.funding_organization   'National Institutes of Health/National Cancer Institute (NIH/NCI)' 
_pdbx_audit_support.country                'United States' 
_pdbx_audit_support.grant_number           'P01 CA-160032' 
_pdbx_audit_support.ordinal                1 
# 
_pdbx_entity_instance_feature.ordinal        1 
_pdbx_entity_instance_feature.comp_id        LVR 
_pdbx_entity_instance_feature.asym_id        ? 
_pdbx_entity_instance_feature.seq_num        ? 
_pdbx_entity_instance_feature.auth_comp_id   LVR 
_pdbx_entity_instance_feature.auth_asym_id   ? 
_pdbx_entity_instance_feature.auth_seq_num   ? 
_pdbx_entity_instance_feature.feature_type   'SUBJECT OF INVESTIGATION' 
_pdbx_entity_instance_feature.details        ? 
# 
_atom_sites.entry_id                    7U38 
_atom_sites.Cartn_transf_matrix[1][1]   ? 
_atom_sites.Cartn_transf_matrix[1][2]   ? 
_atom_sites.Cartn_transf_matrix[1][3]   ? 
_atom_sites.Cartn_transf_matrix[2][1]   ? 
_atom_sites.Cartn_transf_matrix[2][2]   ? 
_atom_sites.Cartn_transf_matrix[2][3]   ? 
_atom_sites.Cartn_transf_matrix[3][1]   ? 
_atom_sites.Cartn_transf_matrix[3][2]   ? 
_atom_sites.Cartn_transf_matrix[3][3]   ? 
_atom_sites.Cartn_transf_vector[1]      ? 
_atom_sites.Cartn_transf_vector[2]      ? 
_atom_sites.Cartn_transf_vector[3]      ? 
_atom_sites.fract_transf_matrix[1][1]   0.00222496 
_atom_sites.fract_transf_matrix[1][2]   0.00704231 
_atom_sites.fract_transf_matrix[1][3]   0.00950602 
_atom_sites.fract_transf_matrix[2][1]   -0.00730719 
_atom_sites.fract_transf_matrix[2][2]   -0.00030915 
_atom_sites.fract_transf_matrix[2][3]   0.00956153 
_atom_sites.fract_transf_matrix[3][1]   0.00765871 
_atom_sites.fract_transf_matrix[3][2]   -0.00988875 
_atom_sites.fract_transf_matrix[3][3]   0.00553327 
_atom_sites.fract_transf_vector[1]      0.557504 
_atom_sites.fract_transf_vector[2]      0.382722 
_atom_sites.fract_transf_vector[3]      0.429896 
_atom_sites.solution_primary            ? 
_atom_sites.solution_secondary          ? 
_atom_sites.solution_hydrogens          ? 
_atom_sites.special_details             ? 
# 
loop_
_atom_type.symbol 
BR 
C  
N  
O  
P  
# 
loop_
_atom_site.group_PDB 
_atom_site.id 
_atom_site.type_symbol 
_atom_site.label_atom_id 
_atom_site.label_alt_id 
_atom_site.label_comp_id 
_atom_site.label_asym_id 
_atom_site.label_entity_id 
_atom_site.label_seq_id 
_atom_site.pdbx_PDB_ins_code 
_atom_site.Cartn_x 
_atom_site.Cartn_y 
_atom_site.Cartn_z 
_atom_site.occupancy 
_atom_site.B_iso_or_equiv 
_atom_site.pdbx_formal_charge 
_atom_site.auth_seq_id 
_atom_site.auth_comp_id 
_atom_site.auth_asym_id 
_atom_site.auth_atom_id 
_atom_site.pdbx_PDB_model_num 
ATOM   1   O  "O5'" . DC  A 1 1  ? 5.190   -2.059  -3.004  1.00 101.23 ? 1   DC  A "O5'" 1 
ATOM   2   C  "C5'" . DC  A 1 1  ? 4.761   -3.361  -2.561  1.00 117.38 ? 1   DC  A "C5'" 1 
ATOM   3   C  "C4'" . DC  A 1 1  ? 4.699   -3.421  -1.050  1.00 125.87 ? 1   DC  A "C4'" 1 
ATOM   4   O  "O4'" . DC  A 1 1  ? 4.999   -4.765  -0.618  1.00 136.26 ? 1   DC  A "O4'" 1 
ATOM   5   C  "C3'" . DC  A 1 1  ? 5.716   -2.548  -0.326  1.00 113.39 ? 1   DC  A "C3'" 1 
ATOM   6   O  "O3'" . DC  A 1 1  ? 5.265   -2.205  0.993   1.00 74.40  ? 1   DC  A "O3'" 1 
ATOM   7   C  "C2'" . DC  A 1 1  ? 6.946   -3.436  -0.281  1.00 118.20 ? 1   DC  A "C2'" 1 
ATOM   8   C  "C1'" . DC  A 1 1  ? 6.368   -4.855  -0.225  1.00 114.38 ? 1   DC  A "C1'" 1 
ATOM   9   P  P     . DG  A 1 2  ? 6.276   -1.504  2.010   1.00 65.23  ? 2   DG  A P     1 
ATOM   10  O  OP1   . DG  A 1 2  ? 7.349   -0.867  1.205   1.00 66.22  ? 2   DG  A OP1   1 
ATOM   11  O  OP2   . DG  A 1 2  ? 6.617   -2.479  3.071   1.00 82.66  ? 2   DG  A OP2   1 
ATOM   12  O  "O5'" . DG  A 1 2  ? 5.405   -0.356  2.691   1.00 71.64  ? 2   DG  A "O5'" 1 
ATOM   13  C  "C5'" . DG  A 1 2  ? 4.048   -0.591  3.120   1.00 58.22  ? 2   DG  A "C5'" 1 
ATOM   14  C  "C4'" . DG  A 1 2  ? 3.888   -0.240  4.581   1.00 45.70  ? 2   DG  A "C4'" 1 
ATOM   15  O  "O4'" . DG  A 1 2  ? 5.191   -0.034  5.166   1.00 37.88  ? 2   DG  A "O4'" 1 
ATOM   16  C  "C3'" . DG  A 1 2  ? 3.069   1.025   4.874   1.00 38.30  ? 2   DG  A "C3'" 1 
ATOM   17  O  "O3'" . DG  A 1 2  ? 1.999   0.680   5.751   1.00 40.28  ? 2   DG  A "O3'" 1 
ATOM   18  C  "C2'" . DG  A 1 2  ? 4.053   1.968   5.557   1.00 38.90  ? 2   DG  A "C2'" 1 
ATOM   19  C  "C1'" . DG  A 1 2  ? 5.155   1.055   6.066   1.00 39.61  ? 2   DG  A "C1'" 1 
ATOM   20  N  N9    . DG  A 1 2  ? 6.479   1.667   6.062   1.00 35.59  ? 2   DG  A N9    1 
ATOM   21  C  C8    . DG  A 1 2  ? 7.295   1.825   4.970   1.00 33.89  ? 2   DG  A C8    1 
ATOM   22  N  N7    . DG  A 1 2  ? 8.424   2.417   5.256   1.00 32.35  ? 2   DG  A N7    1 
ATOM   23  C  C5    . DG  A 1 2  ? 8.374   2.603   6.628   1.00 25.54  ? 2   DG  A C5    1 
ATOM   24  C  C6    . DG  A 1 2  ? 9.319   3.184   7.504   1.00 26.58  ? 2   DG  A C6    1 
ATOM   25  O  O6    . DG  A 1 2  ? 10.420  3.669   7.235   1.00 28.11  ? 2   DG  A O6    1 
ATOM   26  N  N1    . DG  A 1 2  ? 8.842   3.234   8.809   1.00 29.27  ? 2   DG  A N1    1 
ATOM   27  C  C2    . DG  A 1 2  ? 7.656   2.695   9.233   1.00 30.33  ? 2   DG  A C2    1 
ATOM   28  N  N2    . DG  A 1 2  ? 7.411   2.776   10.553  1.00 25.76  ? 2   DG  A N2    1 
ATOM   29  N  N3    . DG  A 1 2  ? 6.743   2.185   8.418   1.00 29.90  ? 2   DG  A N3    1 
ATOM   30  C  C4    . DG  A 1 2  ? 7.167   2.174   7.138   1.00 28.75  ? 2   DG  A C4    1 
ATOM   31  P  P     . DC  A 1 3  ? 0.806   1.710   6.044   1.00 42.38  ? 3   DC  A P     1 
ATOM   32  O  OP1   . DC  A 1 3  ? -0.284  0.957   6.708   1.00 48.40  ? 3   DC  A OP1   1 
ATOM   33  O  OP2   . DC  A 1 3  ? 0.532   2.475   4.801   1.00 37.35  ? 3   DC  A OP2   1 
ATOM   34  O  "O5'" . DC  A 1 3  ? 1.405   2.666   7.165   1.00 38.38  ? 3   DC  A "O5'" 1 
ATOM   35  C  "C5'" . DC  A 1 3  ? 1.632   2.159   8.482   1.00 40.94  ? 3   DC  A "C5'" 1 
ATOM   36  C  "C4'" . DC  A 1 3  ? 2.121   3.262   9.390   1.00 38.80  ? 3   DC  A "C4'" 1 
ATOM   37  O  "O4'" . DC  A 1 3  ? 3.497   3.585   9.082   1.00 43.46  ? 3   DC  A "O4'" 1 
ATOM   38  C  "C3'" . DC  A 1 3  ? 1.351   4.579   9.292   1.00 35.59  ? 3   DC  A "C3'" 1 
ATOM   39  O  "O3'" . DC  A 1 3  ? 1.133   5.070   10.606  1.00 37.11  ? 3   DC  A "O3'" 1 
ATOM   40  C  "C2'" . DC  A 1 3  ? 2.317   5.510   8.586   1.00 37.54  ? 3   DC  A "C2'" 1 
ATOM   41  C  "C1'" . DC  A 1 3  ? 3.637   4.991   9.088   1.00 34.44  ? 3   DC  A "C1'" 1 
ATOM   42  N  N1    . DC  A 1 3  ? 4.802   5.328   8.274   1.00 29.12  ? 3   DC  A N1    1 
ATOM   43  C  C2    . DC  A 1 3  ? 5.953   5.773   8.920   1.00 30.21  ? 3   DC  A C2    1 
ATOM   44  O  O2    . DC  A 1 3  ? 5.899   6.014   10.133  1.00 34.99  ? 3   DC  A O2    1 
ATOM   45  N  N3    . DC  A 1 3  ? 7.071   6.007   8.195   1.00 29.62  ? 3   DC  A N3    1 
ATOM   46  C  C4    . DC  A 1 3  ? 7.075   5.765   6.883   1.00 31.18  ? 3   DC  A C4    1 
ATOM   47  N  N4    . DC  A 1 3  ? 8.195   6.024   6.203   1.00 26.25  ? 3   DC  A N4    1 
ATOM   48  C  C5    . DC  A 1 3  ? 5.923   5.275   6.203   1.00 28.86  ? 3   DC  A C5    1 
ATOM   49  C  C6    . DC  A 1 3  ? 4.820   5.067   6.932   1.00 30.17  ? 3   DC  A C6    1 
HETATM 50  O  OP1   . LVR A 1 4  ? -0.259  5.866   12.487  1.00 45.35  ? 4   LVR A OP1   1 
HETATM 51  P  P     . LVR A 1 4  ? -0.341  5.140   11.200  1.00 43.09  ? 4   LVR A P     1 
HETATM 52  O  OP2   . LVR A 1 4  ? -0.916  3.790   11.124  1.00 37.87  ? 4   LVR A OP2   1 
HETATM 53  O  "O5'" . LVR A 1 4  ? -1.155  6.040   10.097  1.00 36.71  ? 4   LVR A "O5'" 1 
HETATM 54  C  "C5'" . LVR A 1 4  ? -0.807  7.402   9.969   1.00 39.93  ? 4   LVR A "C5'" 1 
HETATM 55  C  "C4'" . LVR A 1 4  ? -1.579  8.104   8.823   1.00 42.46  ? 4   LVR A "C4'" 1 
HETATM 56  O  "O4'" . LVR A 1 4  ? -2.317  7.182   8.033   1.00 45.90  ? 4   LVR A "O4'" 1 
HETATM 57  C  "C3'" . LVR A 1 4  ? -0.557  8.822   7.967   1.00 42.31  ? 4   LVR A "C3'" 1 
HETATM 58  O  "O3'" . LVR A 1 4  ? -0.796  8.603   6.591   1.00 35.44  ? 4   LVR A "O3'" 1 
HETATM 59  C  "C2'" . LVR A 1 4  ? -0.524  10.315  8.277   1.00 37.39  ? 4   LVR A "C2'" 1 
HETATM 60  C  "C1'" . LVR A 1 4  ? 0.329   11.109  7.320   1.00 45.31  ? 4   LVR A "C1'" 1 
HETATM 61  N  NAT   . LVR A 1 4  ? 1.037   12.088  7.826   1.00 65.06  ? 4   LVR A NAT   1 
HETATM 62  C  CAP   . LVR A 1 4  ? 2.072   12.525  6.864   1.00 53.18  ? 4   LVR A CAP   1 
HETATM 63  C  CAR   . LVR A 1 4  ? 3.269   11.608  6.897   1.00 53.61  ? 4   LVR A CAR   1 
HETATM 64  N  NAV   . LVR A 1 4  ? 4.502   12.386  6.657   1.00 48.90  ? 4   LVR A NAV   1 
HETATM 65  C  CAZ   . LVR A 1 4  ? 5.166   12.968  7.640   1.00 39.22  ? 4   LVR A CAZ   1 
HETATM 66  C  CAJ   . LVR A 1 4  ? 4.434   13.296  8.774   1.00 39.40  ? 4   LVR A CAJ   1 
HETATM 67  C  CAI   . LVR A 1 4  ? 5.049   13.984  9.785   1.00 47.34  ? 4   LVR A CAI   1 
HETATM 68  C  CBF   . LVR A 1 4  ? 6.560   13.276  7.468   1.00 32.58  ? 4   LVR A CBF   1 
HETATM 69  C  CBB   . LVR A 1 4  ? 7.355   12.884  6.332   1.00 37.21  ? 4   LVR A CBB   1 
HETATM 70  O  OAB   . LVR A 1 4  ? 6.880   12.277  5.368   1.00 50.34  ? 4   LVR A OAB   1 
HETATM 71  C  CBD   . LVR A 1 4  ? 8.723   13.166  6.271   1.00 32.54  ? 4   LVR A CBD   1 
HETATM 72  C  CAX   . LVR A 1 4  ? 9.468   12.782  5.148   1.00 30.99  ? 4   LVR A CAX   1 
HETATM 73  N  NAH   . LVR A 1 4  ? 10.870  13.102  5.071   1.00 29.78  ? 4   LVR A NAH   1 
HETATM 74  C  CAG   . LVR A 1 4  ? 11.474  13.827  6.120   1.00 31.79  ? 4   LVR A CAG   1 
HETATM 75  C  CAW   . LVR A 1 4  ? 10.703  14.173  7.244   1.00 30.27  ? 4   LVR A CAW   1 
HETATM 76  C  CBC   . LVR A 1 4  ? 9.335   13.863  7.296   1.00 31.19  ? 4   LVR A CBC   1 
HETATM 77  C  CBA   . LVR A 1 4  ? 8.600   14.223  8.417   1.00 39.14  ? 4   LVR A CBA   1 
HETATM 78  O  OAA   . LVR A 1 4  ? 9.218   14.798  9.318   1.00 50.54  ? 4   LVR A OAA   1 
HETATM 79  C  CBE   . LVR A 1 4  ? 7.198   13.929  8.524   1.00 36.11  ? 4   LVR A CBE   1 
HETATM 80  C  CAY   . LVR A 1 4  ? 6.408   14.283  9.665   1.00 54.07  ? 4   LVR A CAY   1 
HETATM 81  N  NAU   . LVR A 1 4  ? 7.008   14.894  10.696  1.00 100.51 ? 4   LVR A NAU   1 
HETATM 82  C  CAQ   . LVR A 1 4  ? 6.338   15.066  12.005  1.00 121.27 ? 4   LVR A CAQ   1 
HETATM 83  C  CAO   . LVR A 1 4  ? 5.590   16.405  12.010  1.00 133.90 ? 4   LVR A CAO   1 
HETATM 84  N  NAS   . LVR A 1 4  ? 6.041   17.250  13.134  1.00 130.79 ? 4   LVR A NAS   1 
ATOM   85  P  P     . DA  A 1 5  ? 0.397   8.160   5.661   1.00 34.06  ? 5   DA  A P     1 
ATOM   86  O  OP1   . DA  A 1 5  ? 0.495   6.684   5.696   1.00 38.79  ? 5   DA  A OP1   1 
ATOM   87  O  OP2   . DA  A 1 5  ? 1.573   8.996   5.998   1.00 32.03  ? 5   DA  A OP2   1 
ATOM   88  O  "O5'" . DA  A 1 5  ? -0.138  8.496   4.214   1.00 35.09  ? 5   DA  A "O5'" 1 
ATOM   89  C  "C5'" . DA  A 1 5  ? -0.234  9.842   3.783   1.00 35.18  ? 5   DA  A "C5'" 1 
ATOM   90  C  "C4'" . DA  A 1 5  ? -1.315  9.942   2.739   1.00 34.67  ? 5   DA  A "C4'" 1 
ATOM   91  O  "O4'" . DA  A 1 5  ? -0.903  9.243   1.535   1.00 32.08  ? 5   DA  A "O4'" 1 
ATOM   92  C  "C3'" . DA  A 1 5  ? -2.644  9.324   3.162   1.00 31.27  ? 5   DA  A "C3'" 1 
ATOM   93  O  "O3'" . DA  A 1 5  ? -3.691  10.150  2.663   1.00 39.15  ? 5   DA  A "O3'" 1 
ATOM   94  C  "C2'" . DA  A 1 5  ? -2.626  7.954   2.515   1.00 30.50  ? 5   DA  A "C2'" 1 
ATOM   95  C  "C1'" . DA  A 1 5  ? -1.811  8.181   1.246   1.00 34.04  ? 5   DA  A "C1'" 1 
ATOM   96  N  N9    . DA  A 1 5  ? -1.023  7.023   0.830   1.00 26.09  ? 5   DA  A N9    1 
ATOM   97  C  C8    . DA  A 1 5  ? -0.043  6.374   1.542   1.00 26.11  ? 5   DA  A C8    1 
ATOM   98  N  N7    . DA  A 1 5  ? 0.518   5.387   0.887   1.00 25.74  ? 5   DA  A N7    1 
ATOM   99  C  C5    . DA  A 1 5  ? -0.171  5.353   -0.317  1.00 24.13  ? 5   DA  A C5    1 
ATOM   100 C  C6    . DA  A 1 5  ? -0.073  4.513   -1.439  1.00 25.32  ? 5   DA  A C6    1 
ATOM   101 N  N6    . DA  A 1 5  ? 0.792   3.504   -1.534  1.00 24.04  ? 5   DA  A N6    1 
ATOM   102 N  N1    . DA  A 1 5  ? -0.905  4.752   -2.478  1.00 26.56  ? 5   DA  A N1    1 
ATOM   103 C  C2    . DA  A 1 5  ? -1.803  5.739   -2.365  1.00 27.37  ? 5   DA  A C2    1 
ATOM   104 N  N3    . DA  A 1 5  ? -2.022  6.563   -1.342  1.00 28.61  ? 5   DA  A N3    1 
ATOM   105 C  C4    . DA  A 1 5  ? -1.126  6.352   -0.363  1.00 25.08  ? 5   DA  A C4    1 
ATOM   106 P  P     . DA  A 1 6  ? -5.195  9.930   3.129   1.00 44.02  ? 6   DA  A P     1 
ATOM   107 O  OP1   . DA  A 1 6  ? -5.852  11.257  3.152   1.00 53.17  ? 6   DA  A OP1   1 
ATOM   108 O  OP2   . DA  A 1 6  ? -5.201  9.080   4.344   1.00 41.15  ? 6   DA  A OP2   1 
ATOM   109 O  "O5'" . DA  A 1 6  ? -5.802  9.085   1.931   1.00 34.61  ? 6   DA  A "O5'" 1 
ATOM   110 C  "C5'" . DA  A 1 6  ? -5.660  9.536   0.589   1.00 35.83  ? 6   DA  A "C5'" 1 
ATOM   111 C  "C4'" . DA  A 1 6  ? -6.222  8.500   -0.353  1.00 44.25  ? 6   DA  A "C4'" 1 
ATOM   112 O  "O4'" . DA  A 1 6  ? -5.273  7.421   -0.512  1.00 42.66  ? 6   DA  A "O4'" 1 
ATOM   113 C  "C3'" . DA  A 1 6  ? -7.536  7.850   0.103   1.00 43.30  ? 6   DA  A "C3'" 1 
ATOM   114 O  "O3'" . DA  A 1 6  ? -8.451  7.949   -0.989  1.00 48.17  ? 6   DA  A "O3'" 1 
ATOM   115 C  "C2'" . DA  A 1 6  ? -7.145  6.411   0.406   1.00 41.06  ? 6   DA  A "C2'" 1 
ATOM   116 C  "C1'" . DA  A 1 6  ? -5.970  6.196   -0.520  1.00 37.75  ? 6   DA  A "C1'" 1 
ATOM   117 N  N9    . DA  A 1 6  ? -5.034  5.153   -0.111  1.00 35.57  ? 6   DA  A N9    1 
ATOM   118 C  C8    . DA  A 1 6  ? -4.406  5.032   1.101   1.00 29.80  ? 6   DA  A C8    1 
ATOM   119 N  N7    . DA  A 1 6  ? -3.496  4.090   1.132   1.00 30.51  ? 6   DA  A N7    1 
ATOM   120 C  C5    . DA  A 1 6  ? -3.500  3.580   -0.158  1.00 27.47  ? 6   DA  A C5    1 
ATOM   121 C  C6    . DA  A 1 6  ? -2.773  2.544   -0.766  1.00 29.58  ? 6   DA  A C6    1 
ATOM   122 N  N6    . DA  A 1 6  ? -1.823  1.844   -0.145  1.00 27.91  ? 6   DA  A N6    1 
ATOM   123 N  N1    . DA  A 1 6  ? -3.033  2.272   -2.063  1.00 28.66  ? 6   DA  A N1    1 
ATOM   124 C  C2    . DA  A 1 6  ? -3.958  3.002   -2.697  1.00 32.29  ? 6   DA  A C2    1 
ATOM   125 N  N3    . DA  A 1 6  ? -4.707  3.999   -2.233  1.00 30.10  ? 6   DA  A N3    1 
ATOM   126 C  C4    . DA  A 1 6  ? -4.431  4.235   -0.939  1.00 28.92  ? 6   DA  A C4    1 
ATOM   127 P  P     . DT  A 1 7  ? -9.949  7.390   -0.881  1.00 53.99  ? 7   DT  A P     1 
ATOM   128 O  OP1   . DT  A 1 7  ? -10.812 8.299   -1.666  1.00 53.12  ? 7   DT  A OP1   1 
ATOM   129 O  OP2   . DT  A 1 7  ? -10.258 7.091   0.539   1.00 43.85  ? 7   DT  A OP2   1 
ATOM   130 O  "O5'" . DT  A 1 7  ? -9.872  6.022   -1.678  1.00 46.67  ? 7   DT  A "O5'" 1 
ATOM   131 C  "C5'" . DT  A 1 7  ? -9.272  6.007   -2.970  1.00 47.17  ? 7   DT  A "C5'" 1 
ATOM   132 C  "C4'" . DT  A 1 7  ? -9.031  4.582   -3.394  1.00 51.02  ? 7   DT  A "C4'" 1 
ATOM   133 O  "O4'" . DT  A 1 7  ? -7.965  3.989   -2.619  1.00 45.02  ? 7   DT  A "O4'" 1 
ATOM   134 C  "C3'" . DT  A 1 7  ? -10.242 3.658   -3.229  1.00 44.64  ? 7   DT  A "C3'" 1 
ATOM   135 O  "O3'" . DT  A 1 7  ? -10.659 3.325   -4.554  1.00 51.87  ? 7   DT  A "O3'" 1 
ATOM   136 C  "C2'" . DT  A 1 7  ? -9.703  2.469   -2.435  1.00 44.96  ? 7   DT  A "C2'" 1 
ATOM   137 C  "C1'" . DT  A 1 7  ? -8.198  2.605   -2.585  1.00 39.31  ? 7   DT  A "C1'" 1 
ATOM   138 N  N1    . DT  A 1 7  ? -7.396  2.040   -1.492  1.00 34.27  ? 7   DT  A N1    1 
ATOM   139 C  C2    . DT  A 1 7  ? -6.511  1.025   -1.785  1.00 30.47  ? 7   DT  A C2    1 
ATOM   140 O  O2    . DT  A 1 7  ? -6.441  0.493   -2.883  1.00 26.81  ? 7   DT  A O2    1 
ATOM   141 N  N3    . DT  A 1 7  ? -5.742  0.614   -0.725  1.00 35.09  ? 7   DT  A N3    1 
ATOM   142 C  C4    . DT  A 1 7  ? -5.753  1.121   0.557   1.00 34.29  ? 7   DT  A C4    1 
ATOM   143 O  O4    . DT  A 1 7  ? -5.004  0.651   1.407   1.00 34.54  ? 7   DT  A O4    1 
ATOM   144 C  C5    . DT  A 1 7  ? -6.719  2.169   0.798   1.00 28.64  ? 7   DT  A C5    1 
ATOM   145 C  C7    . DT  A 1 7  ? -6.805  2.776   2.161   1.00 31.99  ? 7   DT  A C7    1 
ATOM   146 C  C6    . DT  A 1 7  ? -7.475  2.577   -0.228  1.00 28.51  ? 7   DT  A C6    1 
ATOM   147 P  P     . DT  A 1 8  ? -11.889 2.358   -4.812  1.00 51.36  ? 8   DT  A P     1 
ATOM   148 O  OP1   . DT  A 1 8  ? -12.484 2.753   -6.108  1.00 52.67  ? 8   DT  A OP1   1 
ATOM   149 O  OP2   . DT  A 1 8  ? -12.726 2.312   -3.570  1.00 37.36  ? 8   DT  A OP2   1 
ATOM   150 O  "O5'" . DT  A 1 8  ? -11.187 0.950   -5.044  1.00 39.75  ? 8   DT  A "O5'" 1 
ATOM   151 C  "C5'" . DT  A 1 8  ? -10.071 0.869   -5.931  1.00 41.88  ? 8   DT  A "C5'" 1 
ATOM   152 C  "C4'" . DT  A 1 8  ? -9.492  -0.524  -5.914  1.00 46.50  ? 8   DT  A "C4'" 1 
ATOM   153 O  "O4'" . DT  A 1 8  ? -8.751  -0.762  -4.689  1.00 42.52  ? 8   DT  A "O4'" 1 
ATOM   154 C  "C3'" . DT  A 1 8  ? -10.530 -1.640  -6.012  1.00 41.43  ? 8   DT  A "C3'" 1 
ATOM   155 O  "O3'" . DT  A 1 8  ? -10.094 -2.516  -7.047  1.00 50.15  ? 8   DT  A "O3'" 1 
ATOM   156 C  "C2'" . DT  A 1 8  ? -10.517 -2.271  -4.627  1.00 42.05  ? 8   DT  A "C2'" 1 
ATOM   157 C  "C1'" . DT  A 1 8  ? -9.082  -2.046  -4.194  1.00 41.12  ? 8   DT  A "C1'" 1 
ATOM   158 N  N1    . DT  A 1 8  ? -8.841  -2.038  -2.739  1.00 33.11  ? 8   DT  A N1    1 
ATOM   159 C  C2    . DT  A 1 8  ? -7.766  -2.757  -2.262  1.00 28.78  ? 8   DT  A C2    1 
ATOM   160 O  O2    . DT  A 1 8  ? -7.106  -3.512  -2.958  1.00 33.28  ? 8   DT  A O2    1 
ATOM   161 N  N3    . DT  A 1 8  ? -7.458  -2.520  -0.945  1.00 27.37  ? 8   DT  A N3    1 
ATOM   162 C  C4    . DT  A 1 8  ? -8.095  -1.646  -0.085  1.00 30.58  ? 8   DT  A C4    1 
ATOM   163 O  O4    . DT  A 1 8  ? -7.685  -1.512  1.067   1.00 28.34  ? 8   DT  A O4    1 
ATOM   164 C  C5    . DT  A 1 8  ? -9.231  -0.948  -0.646  1.00 29.39  ? 8   DT  A C5    1 
ATOM   165 C  C7    . DT  A 1 8  ? -10.019 -0.023  0.227   1.00 30.02  ? 8   DT  A C7    1 
ATOM   166 C  C6    . DT  A 1 8  ? -9.495  -1.123  -1.946  1.00 27.60  ? 8   DT  A C6    1 
HETATM 167 BR BR    . CBR A 1 9  ? -11.782 -3.605  -1.243  1.00 73.78  ? 9   CBR A BR    1 
HETATM 168 P  P     . CBR A 1 9  ? -10.955 -3.789  -7.432  1.00 56.11  ? 9   CBR A P     1 
HETATM 169 O  OP1   . CBR A 1 9  ? -10.694 -4.098  -8.881  1.00 45.18  ? 9   CBR A OP1   1 
HETATM 170 O  OP2   . CBR A 1 9  ? -12.351 -3.578  -6.889  1.00 49.33  ? 9   CBR A OP2   1 
HETATM 171 O  "O5'" . CBR A 1 9  ? -10.242 -4.958  -6.602  1.00 48.81  ? 9   CBR A "O5'" 1 
HETATM 172 N  N1    . CBR A 1 9  ? -9.060  -6.310  -2.494  1.00 39.87  ? 9   CBR A N1    1 
HETATM 173 C  C6    . CBR A 1 9  ? -10.035 -5.434  -2.473  1.00 36.24  ? 9   CBR A C6    1 
HETATM 174 C  C2    . CBR A 1 9  ? -8.275  -6.573  -1.364  1.00 42.40  ? 9   CBR A C2    1 
HETATM 175 O  O2    . CBR A 1 9  ? -7.359  -7.398  -1.463  1.00 42.86  ? 9   CBR A O2    1 
HETATM 176 N  N3    . CBR A 1 9  ? -8.507  -5.982  -0.184  1.00 39.52  ? 9   CBR A N3    1 
HETATM 177 C  C4    . CBR A 1 9  ? -9.485  -5.085  -0.097  1.00 38.10  ? 9   CBR A C4    1 
HETATM 178 N  N4    . CBR A 1 9  ? -9.725  -4.481  1.089   1.00 41.02  ? 9   CBR A N4    1 
HETATM 179 C  C5    . CBR A 1 9  ? -10.340 -4.823  -1.289  1.00 42.78  ? 9   CBR A C5    1 
HETATM 180 C  "C2'" . CBR A 1 9  ? -9.698  -7.656  -4.462  1.00 48.01  ? 9   CBR A "C2'" 1 
HETATM 181 C  "C5'" . CBR A 1 9  ? -8.895  -5.269  -6.942  1.00 43.58  ? 9   CBR A "C5'" 1 
HETATM 182 C  "C4'" . CBR A 1 9  ? -8.367  -6.303  -5.966  1.00 53.42  ? 9   CBR A "C4'" 1 
HETATM 183 O  "O4'" . CBR A 1 9  ? -8.294  -5.792  -4.628  1.00 45.04  ? 9   CBR A "O4'" 1 
HETATM 184 C  "C1'" . CBR A 1 9  ? -8.634  -6.865  -3.749  1.00 46.15  ? 9   CBR A "C1'" 1 
HETATM 185 C  "C3'" . CBR A 1 9  ? -9.284  -7.516  -5.910  1.00 52.95  ? 9   CBR A "C3'" 1 
HETATM 186 O  "O3'" . CBR A 1 9  ? -8.549  -8.670  -6.317  1.00 65.55  ? 9   CBR A "O3'" 1 
ATOM   187 P  P     . DG  A 1 10 ? -9.317  -9.937  -6.909  1.00 67.65  ? 10  DG  A P     1 
ATOM   188 O  OP1   . DG  A 1 10 ? -8.706  -10.259 -8.219  1.00 58.17  ? 10  DG  A OP1   1 
ATOM   189 O  OP2   . DG  A 1 10 ? -10.787 -9.682  -6.804  1.00 55.59  ? 10  DG  A OP2   1 
ATOM   190 O  "O5'" . DG  A 1 10 ? -8.940  -11.104 -5.896  1.00 62.73  ? 10  DG  A "O5'" 1 
ATOM   191 C  "C5'" . DG  A 1 10 ? -7.979  -10.905 -4.844  1.00 80.47  ? 10  DG  A "C5'" 1 
ATOM   192 C  "C4'" . DG  A 1 10 ? -8.209  -11.916 -3.747  1.00 84.52  ? 10  DG  A "C4'" 1 
ATOM   193 O  "O4'" . DG  A 1 10 ? -8.443  -11.239 -2.487  1.00 81.42  ? 10  DG  A "O4'" 1 
ATOM   194 C  "C3'" . DG  A 1 10 ? -9.424  -12.816 -3.965  1.00 89.09  ? 10  DG  A "C3'" 1 
ATOM   195 O  "O3'" . DG  A 1 10 ? -9.080  -14.130 -3.520  1.00 100.62 ? 10  DG  A "O3'" 1 
ATOM   196 C  "C2'" . DG  A 1 10 ? -10.513 -12.124 -3.163  1.00 68.59  ? 10  DG  A "C2'" 1 
ATOM   197 C  "C1'" . DG  A 1 10 ? -9.734  -11.554 -1.991  1.00 60.61  ? 10  DG  A "C1'" 1 
ATOM   198 N  N9    . DG  A 1 10 ? -10.291 -10.345 -1.397  1.00 47.52  ? 10  DG  A N9    1 
ATOM   199 C  C8    . DG  A 1 10 ? -11.154 -9.448  -1.978  1.00 45.52  ? 10  DG  A C8    1 
ATOM   200 N  N7    . DG  A 1 10 ? -11.473 -8.458  -1.187  1.00 43.74  ? 10  DG  A N7    1 
ATOM   201 C  C5    . DG  A 1 10 ? -10.812 -8.742  0.001   1.00 36.19  ? 10  DG  A C5    1 
ATOM   202 C  C6    . DG  A 1 10 ? -10.775 -8.027  1.224   1.00 47.27  ? 10  DG  A C6    1 
ATOM   203 O  O6    . DG  A 1 10 ? -11.353 -6.974  1.520   1.00 47.53  ? 10  DG  A O6    1 
ATOM   204 N  N1    . DG  A 1 10 ? -9.982  -8.669  2.169   1.00 40.92  ? 10  DG  A N1    1 
ATOM   205 C  C2    . DG  A 1 10 ? -9.267  -9.820  1.944   1.00 45.89  ? 10  DG  A C2    1 
ATOM   206 N  N2    . DG  A 1 10 ? -8.515  -10.254 2.962   1.00 45.14  ? 10  DG  A N2    1 
ATOM   207 N  N3    . DG  A 1 10 ? -9.261  -10.475 0.794   1.00 36.14  ? 10  DG  A N3    1 
ATOM   208 C  C4    . DG  A 1 10 ? -10.081 -9.905  -0.113  1.00 38.95  ? 10  DG  A C4    1 
ATOM   209 P  P     . DC  A 1 11 ? -10.146 -15.320 -3.577  1.00 112.50 ? 11  DC  A P     1 
ATOM   210 O  OP1   . DC  A 1 11 ? -9.646  -16.325 -4.541  1.00 93.35  ? 11  DC  A OP1   1 
ATOM   211 O  OP2   . DC  A 1 11 ? -11.501 -14.731 -3.774  1.00 97.11  ? 11  DC  A OP2   1 
ATOM   212 O  "O5'" . DC  A 1 11 ? -10.041 -15.928 -2.109  1.00 88.91  ? 11  DC  A "O5'" 1 
ATOM   213 C  "C5'" . DC  A 1 11 ? -8.957  -15.532 -1.241  1.00 86.83  ? 11  DC  A "C5'" 1 
ATOM   214 C  "C4'" . DC  A 1 11 ? -9.444  -15.403 0.184   1.00 87.94  ? 11  DC  A "C4'" 1 
ATOM   215 O  "O4'" . DC  A 1 11 ? -9.935  -14.071 0.418   1.00 92.62  ? 11  DC  A "O4'" 1 
ATOM   216 C  "C3'" . DC  A 1 11 ? -10.596 -16.337 0.550   1.00 87.16  ? 11  DC  A "C3'" 1 
ATOM   217 O  "O3'" . DC  A 1 11 ? -10.108 -17.441 1.315   1.00 92.60  ? 11  DC  A "O3'" 1 
ATOM   218 C  "C2'" . DC  A 1 11 ? -11.554 -15.468 1.359   1.00 85.27  ? 11  DC  A "C2'" 1 
ATOM   219 C  "C1'" . DC  A 1 11 ? -10.862 -14.122 1.478   1.00 68.04  ? 11  DC  A "C1'" 1 
ATOM   220 N  N1    . DC  A 1 11 ? -11.753 -12.954 1.356   1.00 52.68  ? 11  DC  A N1    1 
ATOM   221 C  C2    . DC  A 1 11 ? -11.906 -12.112 2.461   1.00 55.29  ? 11  DC  A C2    1 
ATOM   222 O  O2    . DC  A 1 11 ? -11.363 -12.425 3.530   1.00 50.19  ? 11  DC  A O2    1 
ATOM   223 N  N3    . DC  A 1 11 ? -12.651 -10.987 2.341   1.00 44.13  ? 11  DC  A N3    1 
ATOM   224 C  C4    . DC  A 1 11 ? -13.219 -10.688 1.171   1.00 48.83  ? 11  DC  A C4    1 
ATOM   225 N  N4    . DC  A 1 11 ? -13.949 -9.572  1.099   1.00 45.20  ? 11  DC  A N4    1 
ATOM   226 C  C5    . DC  A 1 11 ? -13.084 -11.531 0.028   1.00 41.79  ? 11  DC  A C5    1 
ATOM   227 C  C6    . DC  A 1 11 ? -12.346 -12.642 0.163   1.00 46.18  ? 11  DC  A C6    1 
ATOM   228 P  P     . DG  A 1 12 ? -11.018 -18.745 1.516   1.00 97.14  ? 12  DG  A P     1 
ATOM   229 O  OP1   . DG  A 1 12 ? -10.115 -19.925 1.578   1.00 104.14 ? 12  DG  A OP1   1 
ATOM   230 O  OP2   . DG  A 1 12 ? -12.119 -18.709 0.504   1.00 62.87  ? 12  DG  A OP2   1 
ATOM   231 O  "O5'" . DG  A 1 12 ? -11.613 -18.536 2.979   1.00 71.06  ? 12  DG  A "O5'" 1 
ATOM   232 C  "C5'" . DG  A 1 12 ? -10.758 -18.111 4.058   1.00 63.60  ? 12  DG  A "C5'" 1 
ATOM   233 C  "C4'" . DG  A 1 12 ? -11.587 -17.641 5.230   1.00 66.24  ? 12  DG  A "C4'" 1 
ATOM   234 O  "O4'" . DG  A 1 12 ? -12.168 -16.347 4.931   1.00 76.67  ? 12  DG  A "O4'" 1 
ATOM   235 C  "C3'" . DG  A 1 12 ? -12.767 -18.545 5.588   1.00 66.87  ? 12  DG  A "C3'" 1 
ATOM   236 O  "O3'" . DG  A 1 12 ? -12.937 -18.540 7.011   1.00 61.09  ? 12  DG  A "O3'" 1 
ATOM   237 C  "C2'" . DG  A 1 12 ? -13.935 -17.863 4.899   1.00 66.60  ? 12  DG  A "C2'" 1 
ATOM   238 C  "C1'" . DG  A 1 12 ? -13.570 -16.413 5.131   1.00 61.84  ? 12  DG  A "C1'" 1 
ATOM   239 N  N9    . DG  A 1 12 ? -14.200 -15.433 4.255   1.00 47.43  ? 12  DG  A N9    1 
ATOM   240 C  C8    . DG  A 1 12 ? -14.519 -15.571 2.925   1.00 46.26  ? 12  DG  A C8    1 
ATOM   241 N  N7    . DG  A 1 12 ? -15.070 -14.500 2.418   1.00 40.82  ? 12  DG  A N7    1 
ATOM   242 C  C5    . DG  A 1 12 ? -15.083 -13.590 3.468   1.00 36.14  ? 12  DG  A C5    1 
ATOM   243 C  C6    . DG  A 1 12 ? -15.543 -12.247 3.516   1.00 36.24  ? 12  DG  A C6    1 
ATOM   244 O  O6    . DG  A 1 12 ? -16.050 -11.573 2.613   1.00 42.35  ? 12  DG  A O6    1 
ATOM   245 N  N1    . DG  A 1 12 ? -15.432 -11.716 4.797   1.00 34.47  ? 12  DG  A N1    1 
ATOM   246 C  C2    . DG  A 1 12 ? -14.892 -12.370 5.878   1.00 44.52  ? 12  DG  A C2    1 
ATOM   247 N  N2    . DG  A 1 12 ? -14.809 -11.667 7.016   1.00 40.41  ? 12  DG  A N2    1 
ATOM   248 N  N3    . DG  A 1 12 ? -14.440 -13.612 5.840   1.00 38.84  ? 12  DG  A N3    1 
ATOM   249 C  C4    . DG  A 1 12 ? -14.569 -14.158 4.613   1.00 39.55  ? 12  DG  A C4    1 
ATOM   250 O  "O5'" . DC  B 1 1  ? 18.544  -17.355 -0.901  1.00 99.75  ? 1   DC  B "O5'" 1 
ATOM   251 C  "C5'" . DC  B 1 1  ? 19.716  -16.879 -0.210  1.00 98.04  ? 1   DC  B "C5'" 1 
ATOM   252 C  "C4'" . DC  B 1 1  ? 19.737  -15.367 -0.185  1.00 103.82 ? 1   DC  B "C4'" 1 
ATOM   253 O  "O4'" . DC  B 1 1  ? 20.072  -14.861 -1.502  1.00 118.92 ? 1   DC  B "O4'" 1 
ATOM   254 C  "C3'" . DC  B 1 1  ? 18.413  -14.698 0.210   1.00 90.05  ? 1   DC  B "C3'" 1 
ATOM   255 O  "O3'" . DC  B 1 1  ? 18.636  -13.686 1.200   1.00 75.16  ? 1   DC  B "O3'" 1 
ATOM   256 C  "C2'" . DC  B 1 1  ? 17.903  -14.105 -1.094  1.00 102.09 ? 1   DC  B "C2'" 1 
ATOM   257 C  "C1'" . DC  B 1 1  ? 19.184  -13.815 -1.851  1.00 110.27 ? 1   DC  B "C1'" 1 
ATOM   258 N  N1    . DC  B 1 1  ? 19.053  -13.804 -3.318  1.00 123.60 ? 1   DC  B N1    1 
ATOM   259 C  C2    . DC  B 1 1  ? 19.652  -12.766 -4.040  1.00 126.65 ? 1   DC  B C2    1 
ATOM   260 O  O2    . DC  B 1 1  ? 20.230  -11.860 -3.421  1.00 95.57  ? 1   DC  B O2    1 
ATOM   261 N  N3    . DC  B 1 1  ? 19.567  -12.767 -5.390  1.00 142.38 ? 1   DC  B N3    1 
ATOM   262 C  C4    . DC  B 1 1  ? 18.929  -13.758 -6.019  1.00 143.59 ? 1   DC  B C4    1 
ATOM   263 N  N4    . DC  B 1 1  ? 18.865  -13.714 -7.351  1.00 156.38 ? 1   DC  B N4    1 
ATOM   264 C  C5    . DC  B 1 1  ? 18.329  -14.838 -5.308  1.00 125.48 ? 1   DC  B C5    1 
ATOM   265 C  C6    . DC  B 1 1  ? 18.423  -14.827 -3.973  1.00 128.20 ? 1   DC  B C6    1 
ATOM   266 P  P     . DG  B 1 2  ? 17.864  -13.744 2.592   1.00 60.46  ? 2   DG  B P     1 
ATOM   267 O  OP1   . DG  B 1 2  ? 18.420  -12.688 3.474   1.00 76.58  ? 2   DG  B OP1   1 
ATOM   268 O  OP2   . DG  B 1 2  ? 17.860  -15.148 3.064   1.00 86.10  ? 2   DG  B OP2   1 
ATOM   269 O  "O5'" . DG  B 1 2  ? 16.380  -13.350 2.181   1.00 82.26  ? 2   DG  B "O5'" 1 
ATOM   270 C  "C5'" . DG  B 1 2  ? 16.085  -12.059 1.619   1.00 73.42  ? 2   DG  B "C5'" 1 
ATOM   271 C  "C4'" . DG  B 1 2  ? 14.784  -11.541 2.185   1.00 72.10  ? 2   DG  B "C4'" 1 
ATOM   272 O  "O4'" . DG  B 1 2  ? 14.943  -11.222 3.594   1.00 68.82  ? 2   DG  B "O4'" 1 
ATOM   273 C  "C3'" . DG  B 1 2  ? 14.251  -10.268 1.528   1.00 65.85  ? 2   DG  B "C3'" 1 
ATOM   274 O  "O3'" . DG  B 1 2  ? 12.828  -10.391 1.470   1.00 86.23  ? 2   DG  B "O3'" 1 
ATOM   275 C  "C2'" . DG  B 1 2  ? 14.668  -9.184  2.503   1.00 55.90  ? 2   DG  B "C2'" 1 
ATOM   276 C  "C1'" . DG  B 1 2  ? 14.480  -9.904  3.818   1.00 47.32  ? 2   DG  B "C1'" 1 
ATOM   277 N  N9    . DG  B 1 2  ? 15.225  -9.341  4.934   1.00 37.16  ? 2   DG  B N9    1 
ATOM   278 C  C8    . DG  B 1 2  ? 16.147  -8.325  4.863   1.00 36.83  ? 2   DG  B C8    1 
ATOM   279 N  N7    . DG  B 1 2  ? 16.478  -7.852  6.035   1.00 37.30  ? 2   DG  B N7    1 
ATOM   280 C  C5    . DG  B 1 2  ? 15.724  -8.594  6.932   1.00 25.82  ? 2   DG  B C5    1 
ATOM   281 C  C6    . DG  B 1 2  ? 15.640  -8.516  8.347   1.00 38.24  ? 2   DG  B C6    1 
ATOM   282 O  O6    . DG  B 1 2  ? 16.277  -7.789  9.121   1.00 41.63  ? 2   DG  B O6    1 
ATOM   283 N  N1    . DG  B 1 2  ? 14.693  -9.399  8.851   1.00 41.88  ? 2   DG  B N1    1 
ATOM   284 C  C2    . DG  B 1 2  ? 13.889  -10.210 8.092   1.00 44.96  ? 2   DG  B C2    1 
ATOM   285 N  N2    . DG  B 1 2  ? 13.029  -10.979 8.770   1.00 51.60  ? 2   DG  B N2    1 
ATOM   286 N  N3    . DG  B 1 2  ? 13.982  -10.320 6.775   1.00 36.66  ? 2   DG  B N3    1 
ATOM   287 C  C4    . DG  B 1 2  ? 14.926  -9.499  6.268   1.00 31.33  ? 2   DG  B C4    1 
ATOM   288 P  P     . DC  B 1 3  ? 11.943  -9.351  0.639   1.00 100.38 ? 3   DC  B P     1 
ATOM   289 O  OP1   . DC  B 1 3  ? 11.699  -9.940  -0.701  1.00 59.42  ? 3   DC  B OP1   1 
ATOM   290 O  OP2   . DC  B 1 3  ? 12.547  -7.999  0.766   1.00 91.18  ? 3   DC  B OP2   1 
ATOM   291 O  "O5'" . DC  B 1 3  ? 10.581  -9.341  1.458   1.00 104.05 ? 3   DC  B "O5'" 1 
ATOM   292 C  "C5'" . DC  B 1 3  ? 10.193  -10.509 2.200   1.00 101.73 ? 3   DC  B "C5'" 1 
ATOM   293 C  "C4'" . DC  B 1 3  ? 9.694   -10.119 3.570   1.00 91.94  ? 3   DC  B "C4'" 1 
ATOM   294 O  "O4'" . DC  B 1 3  ? 10.781  -9.628  4.392   1.00 82.82  ? 3   DC  B "O4'" 1 
ATOM   295 C  "C3'" . DC  B 1 3  ? 8.628   -9.015  3.578   1.00 77.54  ? 3   DC  B "C3'" 1 
ATOM   296 O  "O3'" . DC  B 1 3  ? 7.498   -9.451  4.339   1.00 81.40  ? 3   DC  B "O3'" 1 
ATOM   297 C  "C2'" . DC  B 1 3  ? 9.308   -7.857  4.288   1.00 70.54  ? 3   DC  B "C2'" 1 
ATOM   298 C  "C1'" . DC  B 1 3  ? 10.263  -8.593  5.194   1.00 65.43  ? 3   DC  B "C1'" 1 
ATOM   299 N  N1    . DC  B 1 3  ? 11.387  -7.805  5.718   1.00 50.53  ? 3   DC  B N1    1 
ATOM   300 C  C2    . DC  B 1 3  ? 11.488  -7.631  7.101   1.00 47.85  ? 3   DC  B C2    1 
ATOM   301 O  O2    . DC  B 1 3  ? 10.662  -8.192  7.834   1.00 42.97  ? 3   DC  B O2    1 
ATOM   302 N  N3    . DC  B 1 3  ? 12.505  -6.895  7.604   1.00 43.66  ? 3   DC  B N3    1 
ATOM   303 C  C4    . DC  B 1 3  ? 13.359  -6.286  6.778   1.00 45.67  ? 3   DC  B C4    1 
ATOM   304 N  N4    . DC  B 1 3  ? 14.317  -5.529  7.318   1.00 42.96  ? 3   DC  B N4    1 
ATOM   305 C  C5    . DC  B 1 3  ? 13.251  -6.406  5.361   1.00 41.53  ? 3   DC  B C5    1 
ATOM   306 C  C6    . DC  B 1 3  ? 12.246  -7.151  4.877   1.00 50.25  ? 3   DC  B C6    1 
HETATM 307 O  OP1   . LVR B 1 4  ? 5.617   -11.016 4.752   1.00 65.81  ? 4   LVR B OP1   1 
HETATM 308 P  P     . LVR B 1 4  ? 6.379   -10.370 3.666   1.00 72.18  ? 4   LVR B P     1 
HETATM 309 O  OP2   . LVR B 1 4  ? 7.028   -11.199 2.628   1.00 61.57  ? 4   LVR B OP2   1 
HETATM 310 O  "O5'" . LVR B 1 4  ? 5.452   -9.304  2.897   1.00 74.25  ? 4   LVR B "O5'" 1 
HETATM 311 C  "C5'" . LVR B 1 4  ? 4.603   -8.426  3.609   1.00 64.47  ? 4   LVR B "C5'" 1 
HETATM 312 C  "C4'" . LVR B 1 4  ? 4.106   -7.344  2.661   1.00 65.60  ? 4   LVR B "C4'" 1 
HETATM 313 O  "O4'" . LVR B 1 4  ? 5.149   -6.949  1.770   1.00 92.37  ? 4   LVR B "O4'" 1 
HETATM 314 C  "C3'" . LVR B 1 4  ? 3.676   -6.159  3.506   1.00 66.79  ? 4   LVR B "C3'" 1 
HETATM 315 O  "O3'" . LVR B 1 4  ? 2.885   -6.664  4.567   1.00 61.08  ? 4   LVR B "O3'" 1 
HETATM 316 C  "C2'" . LVR B 1 4  ? 4.890   -5.392  4.063   1.00 65.26  ? 4   LVR B "C2'" 1 
HETATM 317 C  "C1'" . LVR B 1 4  ? 4.652   -4.395  5.216   1.00 59.03  ? 4   LVR B "C1'" 1 
HETATM 318 N  NAT   . LVR B 1 4  ? 5.699   -3.662  5.610   1.00 56.89  ? 4   LVR B NAT   1 
HETATM 319 C  CAP   . LVR B 1 4  ? 5.370   -2.967  6.844   1.00 65.72  ? 4   LVR B CAP   1 
HETATM 320 C  CAR   . LVR B 1 4  ? 6.490   -3.193  7.832   1.00 87.42  ? 4   LVR B CAR   1 
HETATM 321 N  NAV   . LVR B 1 4  ? 6.971   -1.889  8.350   1.00 86.13  ? 4   LVR B NAV   1 
HETATM 322 C  CAZ   . LVR B 1 4  ? 8.064   -1.313  7.858   1.00 45.17  ? 4   LVR B CAZ   1 
HETATM 323 C  CAJ   . LVR B 1 4  ? 8.262   -1.432  6.481   1.00 43.12  ? 4   LVR B CAJ   1 
HETATM 324 C  CAI   . LVR B 1 4  ? 9.385   -0.870  5.921   1.00 42.88  ? 4   LVR B CAI   1 
HETATM 325 C  CBF   . LVR B 1 4  ? 9.006   -0.695  8.760   1.00 37.48  ? 4   LVR B CBF   1 
HETATM 326 C  CBB   . LVR B 1 4  ? 8.874   -0.653  10.205  1.00 37.87  ? 4   LVR B CBB   1 
HETATM 327 O  OAB   . LVR B 1 4  ? 7.884   -1.083  10.810  1.00 47.00  ? 4   LVR B OAB   1 
HETATM 328 C  CBD   . LVR B 1 4  ? 9.823   -0.030  11.003  1.00 33.15  ? 4   LVR B CBD   1 
HETATM 329 C  CAX   . LVR B 1 4  ? 9.596   0.035   12.396  1.00 34.86  ? 4   LVR B CAX   1 
HETATM 330 N  NAH   . LVR B 1 4  ? 10.551  0.647   13.259  1.00 34.71  ? 4   LVR B NAH   1 
HETATM 331 C  CAG   . LVR B 1 4  ? 11.707  1.225   12.664  1.00 31.91  ? 4   LVR B CAG   1 
HETATM 332 C  CAW   . LVR B 1 4  ? 11.914  1.130   11.275  1.00 31.02  ? 4   LVR B CAW   1 
HETATM 333 C  CBC   . LVR B 1 4  ? 10.953  0.529   10.435  1.00 33.68  ? 4   LVR B CBC   1 
HETATM 334 C  CBA   . LVR B 1 4  ? 11.117  0.500   9.028   1.00 40.24  ? 4   LVR B CBA   1 
HETATM 335 O  OAA   . LVR B 1 4  ? 12.135  1.005   8.544   1.00 55.19  ? 4   LVR B OAA   1 
HETATM 336 C  CBE   . LVR B 1 4  ? 10.147  -0.112  8.178   1.00 40.98  ? 4   LVR B CBE   1 
HETATM 337 C  CAY   . LVR B 1 4  ? 10.307  -0.224  6.756   1.00 47.81  ? 4   LVR B CAY   1 
HETATM 338 N  NAU   . LVR B 1 4  ? 11.369  0.331   6.159   1.00 77.84  ? 4   LVR B NAU   1 
HETATM 339 C  CAQ   . LVR B 1 4  ? 11.343  0.618   4.696   1.00 94.44  ? 4   LVR B CAQ   1 
HETATM 340 C  CAO   . LVR B 1 4  ? 12.544  1.473   4.264   1.00 99.61  ? 4   LVR B CAO   1 
HETATM 341 N  NAS   . LVR B 1 4  ? 12.738  2.623   5.170   1.00 103.34 ? 4   LVR B NAS   1 
ATOM   342 P  P     . DA  B 1 5  ? 1.305   -6.527  4.498   1.00 59.12  ? 5   DA  B P     1 
ATOM   343 O  OP1   . DA  B 1 5  ? 0.988   -5.130  4.107   1.00 44.36  ? 5   DA  B OP1   1 
ATOM   344 O  OP2   . DA  B 1 5  ? 0.755   -7.084  5.753   1.00 37.14  ? 5   DA  B OP2   1 
ATOM   345 O  "O5'" . DA  B 1 5  ? 0.923   -7.440  3.248   1.00 43.75  ? 5   DA  B "O5'" 1 
ATOM   346 C  "C5'" . DA  B 1 5  ? 0.187   -8.660  3.431   1.00 53.05  ? 5   DA  B "C5'" 1 
ATOM   347 C  "C4'" . DA  B 1 5  ? -0.471  -9.070  2.135   1.00 52.14  ? 5   DA  B "C4'" 1 
ATOM   348 O  "O4'" . DA  B 1 5  ? -1.823  -8.558  2.095   1.00 55.27  ? 5   DA  B "O4'" 1 
ATOM   349 C  "C3'" . DA  B 1 5  ? 0.214   -8.525  0.893   1.00 54.14  ? 5   DA  B "C3'" 1 
ATOM   350 O  "O3'" . DA  B 1 5  ? 0.158   -9.428  -0.200  1.00 58.48  ? 5   DA  B "O3'" 1 
ATOM   351 C  "C2'" . DA  B 1 5  ? -0.568  -7.267  0.579   1.00 54.80  ? 5   DA  B "C2'" 1 
ATOM   352 C  "C1'" . DA  B 1 5  ? -1.967  -7.596  1.060   1.00 45.40  ? 5   DA  B "C1'" 1 
ATOM   353 N  N9    . DA  B 1 5  ? -2.679  -6.449  1.618   1.00 41.56  ? 5   DA  B N9    1 
ATOM   354 C  C8    . DA  B 1 5  ? -2.535  -5.896  2.867   1.00 37.77  ? 5   DA  B C8    1 
ATOM   355 N  N7    . DA  B 1 5  ? -3.352  -4.898  3.098   1.00 36.68  ? 5   DA  B N7    1 
ATOM   356 C  C5    . DA  B 1 5  ? -4.033  -4.741  1.899   1.00 36.10  ? 5   DA  B C5    1 
ATOM   357 C  C6    . DA  B 1 5  ? -5.013  -3.825  1.482   1.00 33.75  ? 5   DA  B C6    1 
ATOM   358 N  N6    . DA  B 1 5  ? -5.478  -2.841  2.250   1.00 35.11  ? 5   DA  B N6    1 
ATOM   359 N  N1    . DA  B 1 5  ? -5.543  -3.991  0.252   1.00 32.76  ? 5   DA  B N1    1 
ATOM   360 C  C2    . DA  B 1 5  ? -5.050  -4.957  -0.534  1.00 36.71  ? 5   DA  B C2    1 
ATOM   361 N  N3    . DA  B 1 5  ? -4.125  -5.873  -0.259  1.00 41.55  ? 5   DA  B N3    1 
ATOM   362 C  C4    . DA  B 1 5  ? -3.649  -5.707  0.989   1.00 34.92  ? 5   DA  B C4    1 
ATOM   363 P  P     . DA  B 1 6  ? 1.124   -9.188  -1.432  1.00 79.25  ? 6   DA  B P     1 
ATOM   364 O  OP1   . DA  B 1 6  ? 1.368   -10.493 -2.087  1.00 73.33  ? 6   DA  B OP1   1 
ATOM   365 O  OP2   . DA  B 1 6  ? 2.267   -8.356  -0.965  1.00 63.71  ? 6   DA  B OP2   1 
ATOM   366 O  "O5'" . DA  B 1 6  ? 0.250   -8.278  -2.396  1.00 65.01  ? 6   DA  B "O5'" 1 
ATOM   367 C  "C5'" . DA  B 1 6  ? -0.878  -8.827  -3.066  1.00 53.00  ? 6   DA  B "C5'" 1 
ATOM   368 C  "C4'" . DA  B 1 6  ? -1.507  -7.767  -3.934  1.00 52.36  ? 6   DA  B "C4'" 1 
ATOM   369 O  "O4'" . DA  B 1 6  ? -2.072  -6.732  -3.093  1.00 50.93  ? 6   DA  B "O4'" 1 
ATOM   370 C  "C3'" . DA  B 1 6  ? -0.535  -7.066  -4.887  1.00 50.94  ? 6   DA  B "C3'" 1 
ATOM   371 O  "O3'" . DA  B 1 6  ? -1.093  -7.084  -6.204  1.00 50.75  ? 6   DA  B "O3'" 1 
ATOM   372 C  "C2'" . DA  B 1 6  ? -0.413  -5.661  -4.318  1.00 49.98  ? 6   DA  B "C2'" 1 
ATOM   373 C  "C1'" . DA  B 1 6  ? -1.746  -5.469  -3.628  1.00 44.87  ? 6   DA  B "C1'" 1 
ATOM   374 N  N9    . DA  B 1 6  ? -1.731  -4.517  -2.528  1.00 39.23  ? 6   DA  B N9    1 
ATOM   375 C  C8    . DA  B 1 6  ? -0.943  -4.562  -1.407  1.00 39.91  ? 6   DA  B C8    1 
ATOM   376 N  N7    . DA  B 1 6  ? -1.223  -3.630  -0.529  1.00 37.95  ? 6   DA  B N7    1 
ATOM   377 C  C5    . DA  B 1 6  ? -2.275  -2.935  -1.106  1.00 35.47  ? 6   DA  B C5    1 
ATOM   378 C  C6    . DA  B 1 6  ? -3.033  -1.838  -0.670  1.00 34.70  ? 6   DA  B C6    1 
ATOM   379 N  N6    . DA  B 1 6  ? -2.821  -1.206  0.485   1.00 33.67  ? 6   DA  B N6    1 
ATOM   380 N  N1    . DA  B 1 6  ? -4.050  -1.425  -1.455  1.00 33.13  ? 6   DA  B N1    1 
ATOM   381 C  C2    . DA  B 1 6  ? -4.243  -2.043  -2.627  1.00 36.13  ? 6   DA  B C2    1 
ATOM   382 N  N3    . DA  B 1 6  ? -3.608  -3.094  -3.138  1.00 35.24  ? 6   DA  B N3    1 
ATOM   383 C  C4    . DA  B 1 6  ? -2.639  -3.511  -2.308  1.00 35.05  ? 6   DA  B C4    1 
ATOM   384 P  P     . DT  B 1 7  ? -0.284  -6.487  -7.424  1.00 58.09  ? 7   DT  B P     1 
ATOM   385 O  OP1   . DT  B 1 7  ? -0.443  -7.406  -8.566  1.00 63.83  ? 7   DT  B OP1   1 
ATOM   386 O  OP2   . DT  B 1 7  ? 1.077   -6.127  -6.944  1.00 61.88  ? 7   DT  B OP2   1 
ATOM   387 O  "O5'" . DT  B 1 7  ? -1.098  -5.166  -7.772  1.00 55.73  ? 7   DT  B "O5'" 1 
ATOM   388 C  "C5'" . DT  B 1 7  ? -2.500  -5.097  -7.518  1.00 42.02  ? 7   DT  B "C5'" 1 
ATOM   389 C  "C4'" . DT  B 1 7  ? -2.955  -3.658  -7.527  1.00 50.18  ? 7   DT  B "C4'" 1 
ATOM   390 O  "O4'" . DT  B 1 7  ? -2.733  -3.063  -6.234  1.00 46.47  ? 7   DT  B "O4'" 1 
ATOM   391 C  "C3'" . DT  B 1 7  ? -2.253  -2.743  -8.541  1.00 46.33  ? 7   DT  B "C3'" 1 
ATOM   392 O  "O3'" . DT  B 1 7  ? -3.196  -2.386  -9.558  1.00 45.94  ? 7   DT  B "O3'" 1 
ATOM   393 C  "C2'" . DT  B 1 7  ? -1.815  -1.529  -7.725  1.00 43.23  ? 7   DT  B "C2'" 1 
ATOM   394 C  "C1'" . DT  B 1 7  ? -2.576  -1.673  -6.419  1.00 40.88  ? 7   DT  B "C1'" 1 
ATOM   395 N  N1    . DT  B 1 7  ? -1.888  -1.148  -5.238  1.00 34.58  ? 7   DT  B N1    1 
ATOM   396 C  C2    . DT  B 1 7  ? -2.501  -0.156  -4.512  1.00 33.51  ? 7   DT  B C2    1 
ATOM   397 O  O2    . DT  B 1 7  ? -3.502  0.425   -4.892  1.00 40.92  ? 7   DT  B O2    1 
ATOM   398 N  N3    . DT  B 1 7  ? -1.858  0.178   -3.349  1.00 36.96  ? 7   DT  B N3    1 
ATOM   399 C  C4    . DT  B 1 7  ? -0.742  -0.433  -2.809  1.00 34.65  ? 7   DT  B C4    1 
ATOM   400 O  O4    . DT  B 1 7  ? -0.287  -0.039  -1.742  1.00 38.02  ? 7   DT  B O4    1 
ATOM   401 C  C5    . DT  B 1 7  ? -0.152  -1.464  -3.624  1.00 37.11  ? 7   DT  B C5    1 
ATOM   402 C  C7    . DT  B 1 7  ? 1.110   -2.121  -3.162  1.00 33.12  ? 7   DT  B C7    1 
ATOM   403 C  C6    . DT  B 1 7  ? -0.765  -1.788  -4.768  1.00 33.45  ? 7   DT  B C6    1 
ATOM   404 P  P     . DT  B 1 8  ? -2.846  -1.259  -10.629 1.00 52.66  ? 8   DT  B P     1 
ATOM   405 O  OP1   . DT  B 1 8  ? -3.744  -1.436  -11.788 1.00 50.17  ? 8   DT  B OP1   1 
ATOM   406 O  OP2   . DT  B 1 8  ? -1.370  -1.247  -10.824 1.00 48.35  ? 8   DT  B OP2   1 
ATOM   407 O  "O5'" . DT  B 1 8  ? -3.320  0.073   -9.901  1.00 42.63  ? 8   DT  B "O5'" 1 
ATOM   408 C  "C5'" . DT  B 1 8  ? -4.663  0.187   -9.424  1.00 44.03  ? 8   DT  B "C5'" 1 
ATOM   409 C  "C4'" . DT  B 1 8  ? -4.890  1.560   -8.836  1.00 47.84  ? 8   DT  B "C4'" 1 
ATOM   410 O  "O4'" . DT  B 1 8  ? -4.104  1.712   -7.629  1.00 42.64  ? 8   DT  B "O4'" 1 
ATOM   411 C  "C3'" . DT  B 1 8  ? -4.505  2.730   -9.747  1.00 40.41  ? 8   DT  B "C3'" 1 
ATOM   412 O  "O3'" . DT  B 1 8  ? -5.582  3.672   -9.736  1.00 39.32  ? 8   DT  B "O3'" 1 
ATOM   413 C  "C2'" . DT  B 1 8  ? -3.223  3.264   -9.122  1.00 38.95  ? 8   DT  B "C2'" 1 
ATOM   414 C  "C1'" . DT  B 1 8  ? -3.449  2.965   -7.655  1.00 41.79  ? 8   DT  B "C1'" 1 
ATOM   415 N  N1    . DT  B 1 8  ? -2.247  2.862   -6.796  1.00 40.43  ? 8   DT  B N1    1 
ATOM   416 C  C2    . DT  B 1 8  ? -2.277  3.520   -5.588  1.00 39.06  ? 8   DT  B C2    1 
ATOM   417 O  O2    . DT  B 1 8  ? -3.152  4.317   -5.282  1.00 46.66  ? 8   DT  B O2    1 
ATOM   418 N  N3    . DT  B 1 8  ? -1.202  3.267   -4.773  1.00 43.11  ? 8   DT  B N3    1 
ATOM   419 C  C4    . DT  B 1 8  ? -0.154  2.403   -5.021  1.00 35.27  ? 8   DT  B C4    1 
ATOM   420 O  O4    . DT  B 1 8  ? 0.712   2.236   -4.172  1.00 38.38  ? 8   DT  B O4    1 
ATOM   421 C  C5    . DT  B 1 8  ? -0.182  1.752   -6.308  1.00 32.73  ? 8   DT  B C5    1 
ATOM   422 C  C7    . DT  B 1 8  ? 0.943   0.843   -6.685  1.00 28.33  ? 8   DT  B C7    1 
ATOM   423 C  C6    . DT  B 1 8  ? -1.231  1.985   -7.107  1.00 33.93  ? 8   DT  B C6    1 
HETATM 424 BR BR    . CBR B 1 9  ? 0.349   4.784   -9.083  1.00 70.98  ? 9   CBR B BR    1 
HETATM 425 P  P     . CBR B 1 9  ? -5.480  5.029   -10.575 1.00 51.17  ? 9   CBR B P     1 
HETATM 426 O  OP1   . CBR B 1 9  ? -6.870  5.433   -10.969 1.00 46.61  ? 9   CBR B OP1   1 
HETATM 427 O  OP2   . CBR B 1 9  ? -4.336  4.879   -11.557 1.00 43.45  ? 9   CBR B OP2   1 
HETATM 428 O  "O5'" . CBR B 1 9  ? -5.104  6.115   -9.469  1.00 45.13  ? 9   CBR B "O5'" 1 
HETATM 429 N  N1    . CBR B 1 9  ? -1.885  7.339   -6.826  1.00 38.15  ? 9   CBR B N1    1 
HETATM 430 C  C6    . CBR B 1 9  ? -1.522  6.468   -7.752  1.00 37.02  ? 9   CBR B C6    1 
HETATM 431 C  C2    . CBR B 1 9  ? -1.204  7.403   -5.598  1.00 32.98  ? 9   CBR B C2    1 
HETATM 432 O  O2    . CBR B 1 9  ? -1.674  8.092   -4.671  1.00 32.56  ? 9   CBR B O2    1 
HETATM 433 N  N3    . CBR B 1 9  ? -0.059  6.758   -5.410  1.00 32.47  ? 9   CBR B N3    1 
HETATM 434 C  C4    . CBR B 1 9  ? 0.411   5.924   -6.348  1.00 36.34  ? 9   CBR B C4    1 
HETATM 435 N  N4    . CBR B 1 9  ? 1.587   5.265   -6.145  1.00 29.77  ? 9   CBR B N4    1 
HETATM 436 C  C5    . CBR B 1 9  ? -0.336  5.792   -7.623  1.00 34.71  ? 9   CBR B C5    1 
HETATM 437 C  "C2'" . CBR B 1 9  ? -3.626  8.691   -8.067  1.00 45.35  ? 9   CBR B "C2'" 1 
HETATM 438 C  "C5'" . CBR B 1 9  ? -5.977  6.195   -8.355  1.00 48.75  ? 9   CBR B "C5'" 1 
HETATM 439 C  "C4'" . CBR B 1 9  ? -5.399  7.195   -7.385  1.00 50.38  ? 9   CBR B "C4'" 1 
HETATM 440 O  "O4'" . CBR B 1 9  ? -4.140  6.764   -6.843  1.00 49.62  ? 9   CBR B "O4'" 1 
HETATM 441 C  "C1'" . CBR B 1 9  ? -3.234  7.876   -6.856  1.00 41.66  ? 9   CBR B "C1'" 1 
HETATM 442 C  "C3'" . CBR B 1 9  ? -5.134  8.495   -8.106  1.00 44.26  ? 9   CBR B "C3'" 1 
HETATM 443 O  "O3'" . CBR B 1 9  ? -5.819  9.479   -7.347  1.00 44.37  ? 9   CBR B "O3'" 1 
ATOM   444 P  P     . DG  B 1 10 ? -5.778  10.981  -7.800  1.00 49.58  ? 10  DG  B P     1 
ATOM   445 O  OP1   . DG  B 1 10 ? -6.963  11.664  -7.220  1.00 40.97  ? 10  DG  B OP1   1 
ATOM   446 O  OP2   . DG  B 1 10 ? -5.515  11.006  -9.263  1.00 42.64  ? 10  DG  B OP2   1 
ATOM   447 O  "O5'" . DG  B 1 10 ? -4.505  11.559  -7.039  1.00 44.86  ? 10  DG  B "O5'" 1 
ATOM   448 C  "C5'" . DG  B 1 10 ? -4.567  11.819  -5.629  1.00 36.25  ? 10  DG  B "C5'" 1 
ATOM   449 C  "C4'" . DG  B 1 10 ? -3.310  12.520  -5.176  1.00 43.42  ? 10  DG  B "C4'" 1 
ATOM   450 O  "O4'" . DG  B 1 10 ? -2.172  11.622  -5.267  1.00 40.79  ? 10  DG  B "O4'" 1 
ATOM   451 C  "C3'" . DG  B 1 10 ? -2.944  13.764  -5.992  1.00 39.57  ? 10  DG  B "C3'" 1 
ATOM   452 O  "O3'" . DG  B 1 10 ? -2.650  14.807  -5.060  1.00 35.91  ? 10  DG  B "O3'" 1 
ATOM   453 C  "C2'" . DG  B 1 10 ? -1.751  13.317  -6.826  1.00 38.06  ? 10  DG  B "C2'" 1 
ATOM   454 C  "C1'" . DG  B 1 10 ? -1.102  12.270  -5.934  1.00 39.78  ? 10  DG  B "C1'" 1 
ATOM   455 N  N9    . DG  B 1 10 ? -0.315  11.242  -6.614  1.00 36.41  ? 10  DG  B N9    1 
ATOM   456 C  C8    . DG  B 1 10 ? -0.662  10.557  -7.752  1.00 39.83  ? 10  DG  B C8    1 
ATOM   457 N  N7    . DG  B 1 10 ? 0.151   9.571   -8.024  1.00 34.25  ? 10  DG  B N7    1 
ATOM   458 C  C5    . DG  B 1 10 ? 1.067   9.585   -6.984  1.00 29.78  ? 10  DG  B C5    1 
ATOM   459 C  C6    . DG  B 1 10 ? 2.218   8.791   -6.769  1.00 26.91  ? 10  DG  B C6    1 
ATOM   460 O  O6    . DG  B 1 10 ? 2.629   7.836   -7.437  1.00 23.69  ? 10  DG  B O6    1 
ATOM   461 N  N1    . DG  B 1 10 ? 2.859   9.130   -5.583  1.00 25.22  ? 10  DG  B N1    1 
ATOM   462 C  C2    . DG  B 1 10 ? 2.468   10.138  -4.736  1.00 32.04  ? 10  DG  B C2    1 
ATOM   463 N  N2    . DG  B 1 10 ? 3.227   10.323  -3.646  1.00 27.78  ? 10  DG  B N2    1 
ATOM   464 N  N3    . DG  B 1 10 ? 1.416   10.913  -4.947  1.00 27.71  ? 10  DG  B N3    1 
ATOM   465 C  C4    . DG  B 1 10 ? 0.783   10.600  -6.095  1.00 28.56  ? 10  DG  B C4    1 
ATOM   466 P  P     . DC  B 1 11 ? -2.579  16.326  -5.536  1.00 41.60  ? 11  DC  B P     1 
ATOM   467 O  OP1   . DC  B 1 11 ? -3.083  17.155  -4.425  1.00 39.47  ? 11  DC  B OP1   1 
ATOM   468 O  OP2   . DC  B 1 11 ? -3.179  16.428  -6.908  1.00 34.29  ? 11  DC  B OP2   1 
ATOM   469 O  "O5'" . DC  B 1 11 ? -1.015  16.578  -5.687  1.00 40.19  ? 11  DC  B "O5'" 1 
ATOM   470 C  "C5'" . DC  B 1 11 ? -0.127  16.406  -4.575  1.00 32.75  ? 11  DC  B "C5'" 1 
ATOM   471 C  "C4'" . DC  B 1 11 ? 1.300   16.359  -5.066  1.00 34.83  ? 11  DC  B "C4'" 1 
ATOM   472 O  "O4'" . DC  B 1 11 ? 1.615   15.019  -5.543  1.00 31.40  ? 11  DC  B "O4'" 1 
ATOM   473 C  "C3'" . DC  B 1 11 ? 1.618   17.307  -6.236  1.00 29.89  ? 11  DC  B "C3'" 1 
ATOM   474 O  "O3'" . DC  B 1 11 ? 2.884   17.911  -6.002  1.00 30.53  ? 11  DC  B "O3'" 1 
ATOM   475 C  "C2'" . DC  B 1 11 ? 1.807   16.359  -7.413  1.00 30.18  ? 11  DC  B "C2'" 1 
ATOM   476 C  "C1'" . DC  B 1 11 ? 2.413   15.169  -6.695  1.00 26.87  ? 11  DC  B "C1'" 1 
ATOM   477 N  N1    . DC  B 1 11 ? 2.487   13.868  -7.394  1.00 25.89  ? 11  DC  B N1    1 
ATOM   478 C  C2    . DC  B 1 11 ? 3.474   12.961  -6.987  1.00 27.11  ? 11  DC  B C2    1 
ATOM   479 O  O2    . DC  B 1 11 ? 4.140   13.218  -5.979  1.00 30.24  ? 11  DC  B O2    1 
ATOM   480 N  N3    . DC  B 1 11 ? 3.651   11.815  -7.684  1.00 24.89  ? 11  DC  B N3    1 
ATOM   481 C  C4    . DC  B 1 11 ? 2.902   11.568  -8.759  1.00 30.85  ? 11  DC  B C4    1 
ATOM   482 N  N4    . DC  B 1 11 ? 3.102   10.418  -9.410  1.00 25.39  ? 11  DC  B N4    1 
ATOM   483 C  C5    . DC  B 1 11 ? 1.917   12.493  -9.222  1.00 29.65  ? 11  DC  B C5    1 
ATOM   484 C  C6    . DC  B 1 11 ? 1.754   13.627  -8.522  1.00 26.20  ? 11  DC  B C6    1 
ATOM   485 P  P     . DG  B 1 12 ? 3.005   19.425  -5.520  1.00 34.94  ? 12  DG  B P     1 
ATOM   486 O  OP1   . DG  B 1 12 ? 2.113   19.617  -4.360  1.00 33.23  ? 12  DG  B OP1   1 
ATOM   487 O  OP2   . DG  B 1 12 ? 2.872   20.298  -6.709  1.00 31.03  ? 12  DG  B OP2   1 
ATOM   488 O  "O5'" . DG  B 1 12 ? 4.506   19.488  -4.984  1.00 31.43  ? 12  DG  B "O5'" 1 
ATOM   489 C  "C5'" . DG  B 1 12 ? 4.876   18.715  -3.826  1.00 29.21  ? 12  DG  B "C5'" 1 
ATOM   490 C  "C4'" . DG  B 1 12 ? 6.247   18.104  -3.987  1.00 26.60  ? 12  DG  B "C4'" 1 
ATOM   491 O  "O4'" . DG  B 1 12 ? 6.158   16.919  -4.809  1.00 30.43  ? 12  DG  B "O4'" 1 
ATOM   492 C  "C3'" . DG  B 1 12 ? 7.299   18.999  -4.645  1.00 30.06  ? 12  DG  B "C3'" 1 
ATOM   493 O  "O3'" . DG  B 1 12 ? 8.540   18.900  -3.938  1.00 29.75  ? 12  DG  B "O3'" 1 
ATOM   494 C  "C2'" . DG  B 1 12 ? 7.414   18.438  -6.047  1.00 30.83  ? 12  DG  B "C2'" 1 
ATOM   495 C  "C1'" . DG  B 1 12 ? 7.136   16.967  -5.822  1.00 30.23  ? 12  DG  B "C1'" 1 
ATOM   496 N  N9    . DG  B 1 12 ? 6.606   16.261  -6.979  1.00 32.74  ? 12  DG  B N9    1 
ATOM   497 C  C8    . DG  B 1 12 ? 5.525   16.622  -7.749  1.00 31.03  ? 12  DG  B C8    1 
ATOM   498 N  N7    . DG  B 1 12 ? 5.223   15.731  -8.653  1.00 33.61  ? 12  DG  B N7    1 
ATOM   499 C  C5    . DG  B 1 12 ? 6.182   14.743  -8.493  1.00 28.37  ? 12  DG  B C5    1 
ATOM   500 C  C6    . DG  B 1 12 ? 6.381   13.530  -9.203  1.00 31.09  ? 12  DG  B C6    1 
ATOM   501 O  O6    . DG  B 1 12 ? 5.695   13.049  -10.110 1.00 30.95  ? 12  DG  B O6    1 
ATOM   502 N  N1    . DG  B 1 12 ? 7.451   12.806  -8.688  1.00 31.64  ? 12  DG  B N1    1 
ATOM   503 C  C2    . DG  B 1 12 ? 8.217   13.188  -7.616  1.00 31.98  ? 12  DG  B C2    1 
ATOM   504 N  N2    . DG  B 1 12 ? 9.194   12.345  -7.257  1.00 39.61  ? 12  DG  B N2    1 
ATOM   505 N  N3    . DG  B 1 12 ? 8.051   14.320  -6.957  1.00 32.46  ? 12  DG  B N3    1 
ATOM   506 C  C4    . DG  B 1 12 ? 7.000   15.025  -7.422  1.00 30.00  ? 12  DG  B C4    1 
HETATM 507 C  C1    . EDO C 2 .  ? -9.067  -1.056  4.134   1.00 85.69  ? 101 EDO A C1    1 
HETATM 508 O  O1    . EDO C 2 .  ? -8.229  -0.340  3.240   1.00 70.28  ? 101 EDO A O1    1 
HETATM 509 C  C2    . EDO C 2 .  ? -8.758  -2.514  4.183   1.00 84.10  ? 101 EDO A C2    1 
HETATM 510 O  O2    . EDO C 2 .  ? -8.536  -3.010  5.493   1.00 78.03  ? 101 EDO A O2    1 
HETATM 511 C  C1    . EDO D 2 .  ? 4.770   0.579   11.556  1.00 77.01  ? 102 EDO A C1    1 
HETATM 512 O  O1    . EDO D 2 .  ? 4.582   0.118   10.224  1.00 66.23  ? 102 EDO A O1    1 
HETATM 513 C  C2    . EDO D 2 .  ? 4.217   1.945   11.789  1.00 71.55  ? 102 EDO A C2    1 
HETATM 514 O  O2    . EDO D 2 .  ? 4.828   2.645   12.863  1.00 67.03  ? 102 EDO A O2    1 
HETATM 515 C  C1    . EDO E 2 .  ? -15.744 -9.139  -2.067  1.00 71.43  ? 103 EDO A C1    1 
HETATM 516 O  O1    . EDO E 2 .  ? -15.995 -9.534  -3.403  1.00 78.50  ? 103 EDO A O1    1 
HETATM 517 C  C2    . EDO E 2 .  ? -16.499 -7.915  -1.673  1.00 82.93  ? 103 EDO A C2    1 
HETATM 518 O  O2    . EDO E 2 .  ? -16.592 -7.713  -0.264  1.00 70.42  ? 103 EDO A O2    1 
HETATM 519 C  C1    . EDO F 2 .  ? 0.373   -2.655  2.380   1.00 89.96  ? 101 EDO B C1    1 
HETATM 520 O  O1    . EDO F 2 .  ? 1.085   -3.639  1.638   1.00 79.62  ? 101 EDO B O1    1 
HETATM 521 C  C2    . EDO F 2 .  ? 0.479   -1.278  1.818   1.00 86.81  ? 101 EDO B C2    1 
HETATM 522 O  O2    . EDO F 2 .  ? -0.090  -0.287  2.659   1.00 78.45  ? 101 EDO B O2    1 
HETATM 523 O  O     . HOH G 3 .  ? -15.572 -14.521 0.584   0.60 34.01  ? 201 HOH A O     1 
HETATM 524 O  O     . HOH G 3 .  ? -13.302 -7.129  -1.774  1.00 49.96  ? 202 HOH A O     1 
HETATM 525 O  O     . HOH G 3 .  ? 2.067   4.692   4.667   1.00 30.74  ? 203 HOH A O     1 
HETATM 526 O  O     . HOH G 3 .  ? -5.437  -4.035  -5.071  1.00 39.41  ? 204 HOH A O     1 
HETATM 527 O  O     . HOH G 3 .  ? -2.678  3.513   9.003   1.00 61.31  ? 205 HOH A O     1 
HETATM 528 O  O     . HOH G 3 .  ? 8.331   0.555   -1.416  1.00 55.85  ? 206 HOH A O     1 
HETATM 529 O  O     . HOH G 3 .  ? -1.062  11.537  -0.779  1.00 42.43  ? 207 HOH A O     1 
HETATM 530 O  O     . HOH G 3 .  ? 3.816   -1.624  -6.028  1.00 47.34  ? 208 HOH A O     1 
HETATM 531 O  O     . HOH G 3 .  ? 3.321   4.167   2.578   1.00 34.67  ? 209 HOH A O     1 
HETATM 532 O  O     . HOH G 3 .  ? -1.484  14.009  6.050   1.00 49.41  ? 210 HOH A O     1 
HETATM 533 O  O     . HOH H 3 .  ? 4.072   19.686  -8.977  1.00 33.99  ? 201 HOH B O     1 
HETATM 534 O  O     . HOH H 3 .  ? -3.534  8.524   -2.828  1.00 27.48  ? 202 HOH B O     1 
HETATM 535 O  O     . HOH H 3 .  ? 8.926   14.313  -4.369  0.50 14.18  ? 203 HOH B O     1 
HETATM 536 O  O     . HOH H 3 .  ? 11.198  -12.259 5.154   1.00 65.33  ? 204 HOH B O     1 
HETATM 537 O  O     . HOH H 3 .  ? -5.773  5.101   -4.670  0.50 5.56   ? 205 HOH B O     1 
HETATM 538 O  O     . HOH H 3 .  ? 0.758   8.296   -10.502 0.50 21.11  ? 206 HOH B O     1 
HETATM 539 O  O     . HOH H 3 .  ? -3.110  -3.151  5.418   1.00 50.64  ? 207 HOH B O     1 
HETATM 540 O  O     . HOH H 3 .  ? 1.847   -3.107  -6.973  0.50 15.39  ? 208 HOH B O     1 
HETATM 541 O  O     . HOH H 3 .  ? 3.608   12.035  -0.916  0.30 28.40  ? 209 HOH B O     1 
HETATM 542 O  O     . HOH H 3 .  ? 3.481   3.420   -8.263  1.00 35.25  ? 210 HOH B O     1 
HETATM 543 O  O     . HOH H 3 .  ? -5.838  15.458  -8.774  0.50 24.78  ? 211 HOH B O     1 
HETATM 544 O  O     . HOH H 3 .  ? 1.612   10.732  -12.496 0.50 21.46  ? 212 HOH B O     1 
HETATM 545 O  O     . HOH H 3 .  ? -5.850  7.520   -3.943  1.00 38.64  ? 213 HOH B O     1 
HETATM 546 O  O     . HOH H 3 .  ? 9.151   -11.473 9.624   0.50 55.31  ? 214 HOH B O     1 
HETATM 547 O  O     . HOH H 3 .  ? -0.573  15.335  -9.836  0.50 20.94  ? 215 HOH B O     1 
HETATM 548 O  O     . HOH H 3 .  ? -1.643  13.477  -10.654 0.50 12.98  ? 216 HOH B O     1 
HETATM 549 O  O     . HOH H 3 .  ? 1.530   5.699   -12.855 1.00 58.71  ? 217 HOH B O     1 
# 
